data_9KUV
#
_entry.id   9KUV
#
_cell.length_a   1.00
_cell.length_b   1.00
_cell.length_c   1.00
_cell.angle_alpha   90.00
_cell.angle_beta   90.00
_cell.angle_gamma   90.00
#
_symmetry.space_group_name_H-M   'P 1'
#
loop_
_entity.id
_entity.type
_entity.pdbx_description
1 polymer Beta-arrestin-scFv30
2 polymer 'Apelin Receptor'
3 non-polymer (1~{S},2~{S})-~{N}-[4-(2,6-dimethoxyphenyl)-5-(6-methylpyridin-2-yl)-1,2,4-triazol-3-yl]-1-(5-methylpyrimidin-2-yl)-1-oxidanyl-propane-2-sulfonamide
4 non-polymer CHOLESTEROL
#
loop_
_entity_poly.entity_id
_entity_poly.type
_entity_poly.pdbx_seq_one_letter_code
_entity_poly.pdbx_strand_id
1 'polypeptide(L)'
;MGDKGTRVFKKASPNGKLTVYLGKRDFVDHIDLVEPVDGVVLVDPEYLKERRVYVTLTAAFRYGREDLDVLGLTFRKDLF
VANVQSFPPAPEDKKPLTRLQERLIKKLGEHAYPFTFEIPPNLPSSVTLQPGPEDTGKAIGVDYEVKAFVAENLEEKIHK
RNSVRLVIEKVQYAPERPGPQPTAETTRQFLMSDKPLHLEASLDKEIYYHGEPISVNVHVTNNTNKTVKKIKISVRQYAD
IVLFNTAQYKVPVAMEEADDTVAPSSTFSKVYTLTPFLANNREKRGLALDGKLKHEDTNLASSTLLREGANREILGIIVS
YKVKVKLVVSRGGLLGDLASSDVAVELPFTLMHPKPKEEPPHREVPEHETPVDTNLSDIQMTQSPSSLSASVGDRVTITC
RASQSVSSAVAWYQQKPGKAPKLLIYSASSLYSGVPSRFSGSRSGTDFTLTISSLQPEDFATYYCQQYKYVPVTFGQGTK
VEIKGTTAASGSSGGSSSGAEVQLVESGGGLVQPGGSLRLSCAASGFNVYSSSIHWVRQAPGKGLEWVASISSYYGYTYY
ADSVKGRFTISADTSKNTAYLQMNSLRAEDTAVYYCARSRQFWYSGLDYWGQGTLVTVSSA
;
A
2 'polypeptide(L)'
;MKTIIALSYIFCLVFADYKDDDDKHHHHHHHHHHLEVLFQGPADLEDNWETLNDNLKVIEKADNAAQVKDALTKMRAAAL
DAQKATPPKLEDKSPDSPEMKDFRHGFDILVGQIDDALKLANEGKVKEAQAAAEQLKTTRNAYIQKYLEEGGDFDNYYGA
DNQSECEYTDWKSSGALIPAIYMLVFLLGTTGNGLVLWTVFRSSREKRRSADIFIASLAVADLTFVVTLPLWATYTYRDY
DWPFGTFACKLSSYLIFVNMYASVFCLTGLSFDRYLAIVRPVANARLRLRVSGAVATAVLWVLAALLAMPVMVLRTTGDL
ENTTKVQCYMDYSMVATVSSEWAWEVGLGVSSTTVGFVVPFTIMLTCYFFIAQTIAGHFRKERIEGLRKRRRLLSIIVVL
VVTFALCWMPYHLVKTLYMLGSLLHWPCDFDLFLMNIFPYCTCISYVNSCLNPFLYAFFDPRFRQACTSMLCCGQSRARG
RTPPSLGPQDE(SEP)C(TPO)(TPO)A(SEP)(SEP)(SEP)LAKDTSS
;
R
#
loop_
_chem_comp.id
_chem_comp.type
_chem_comp.name
_chem_comp.formula
A1L6R non-polymer (1~{S},2~{S})-~{N}-[4-(2,6-dimethoxyphenyl)-5-(6-methylpyridin-2-yl)-1,2,4-triazol-3-yl]-1-(5-methylpyrimidin-2-yl)-1-oxidanyl-propane-2-sulfonamide 'C24 H27 N7 O5 S'
CLR non-polymer CHOLESTEROL 'C27 H46 O'
#
# COMPACT_ATOMS: atom_id res chain seq x y z
N THR A 6 7.30 23.04 26.43
CA THR A 6 7.05 22.48 25.07
C THR A 6 8.31 21.80 24.53
N ARG A 7 8.20 21.15 23.38
CA ARG A 7 9.31 20.43 22.79
C ARG A 7 9.25 20.57 21.28
N VAL A 8 10.42 20.43 20.65
CA VAL A 8 10.57 20.62 19.21
C VAL A 8 11.33 19.44 18.63
N PHE A 9 11.18 19.25 17.33
CA PHE A 9 11.85 18.17 16.61
C PHE A 9 13.10 18.70 15.95
N LYS A 10 14.16 17.90 15.98
CA LYS A 10 15.43 18.27 15.35
C LYS A 10 15.99 17.08 14.60
N LYS A 11 16.47 17.33 13.39
CA LYS A 11 17.16 16.33 12.60
C LYS A 11 18.48 16.92 12.13
N ALA A 12 19.58 16.28 12.48
CA ALA A 12 20.89 16.74 12.07
C ALA A 12 21.26 16.14 10.72
N SER A 13 22.28 16.71 10.11
CA SER A 13 22.76 16.21 8.84
C SER A 13 23.75 15.07 9.05
N PRO A 14 23.97 14.25 8.03
CA PRO A 14 24.97 13.18 8.17
C PRO A 14 26.34 13.72 8.54
N ASN A 15 26.72 14.89 8.02
CA ASN A 15 28.01 15.47 8.37
C ASN A 15 27.98 16.07 9.76
N GLY A 16 26.85 16.66 10.16
CA GLY A 16 26.72 17.28 11.46
C GLY A 16 26.76 18.80 11.46
N LYS A 17 26.65 19.44 10.31
CA LYS A 17 26.69 20.89 10.21
C LYS A 17 25.30 21.52 10.16
N LEU A 18 24.44 21.05 9.26
CA LEU A 18 23.05 21.48 9.22
C LEU A 18 22.26 20.73 10.28
N THR A 19 21.39 21.44 10.99
CA THR A 19 20.40 20.79 11.84
C THR A 19 19.07 21.52 11.68
N VAL A 20 18.06 20.82 11.19
CA VAL A 20 16.74 21.40 10.96
C VAL A 20 15.92 21.23 12.23
N TYR A 21 15.33 22.32 12.70
CA TYR A 21 14.45 22.32 13.87
C TYR A 21 13.06 22.71 13.39
N LEU A 22 12.08 21.85 13.65
CA LEU A 22 10.69 22.06 13.27
C LEU A 22 9.82 21.81 14.49
N GLY A 23 8.88 22.73 14.75
CA GLY A 23 8.08 22.63 15.95
C GLY A 23 7.15 21.44 15.96
N LYS A 24 6.46 21.19 14.85
CA LYS A 24 5.46 20.15 14.76
C LYS A 24 5.55 19.46 13.40
N ARG A 25 5.18 18.19 13.38
CA ARG A 25 5.17 17.41 12.14
C ARG A 25 3.80 17.39 11.48
N ASP A 26 2.82 18.06 12.06
CA ASP A 26 1.43 17.99 11.61
C ASP A 26 0.91 19.40 11.42
N PHE A 27 0.66 19.78 10.17
CA PHE A 27 0.24 21.13 9.82
C PHE A 27 -1.18 21.08 9.28
N VAL A 28 -2.07 21.84 9.91
CA VAL A 28 -3.49 21.76 9.62
C VAL A 28 -3.78 22.52 8.33
N ASP A 29 -4.67 21.98 7.52
CA ASP A 29 -5.11 22.60 6.26
C ASP A 29 -6.56 23.03 6.43
N HIS A 30 -6.75 24.24 6.96
CA HIS A 30 -8.08 24.84 6.88
C HIS A 30 -8.39 25.06 5.41
N ILE A 31 -9.68 24.95 5.05
CA ILE A 31 -10.04 24.90 3.64
C ILE A 31 -9.56 26.15 2.92
N ASP A 32 -9.43 27.27 3.63
CA ASP A 32 -9.02 28.53 3.01
C ASP A 32 -7.51 28.74 3.10
N LEU A 33 -6.95 28.70 4.30
CA LEU A 33 -5.52 28.94 4.52
C LEU A 33 -4.91 27.74 5.21
N VAL A 34 -3.71 27.38 4.77
CA VAL A 34 -2.97 26.26 5.34
C VAL A 34 -1.92 26.80 6.28
N GLU A 35 -1.65 26.04 7.34
CA GLU A 35 -0.70 26.48 8.34
C GLU A 35 0.70 26.55 7.73
N PRO A 36 1.45 27.63 7.99
CA PRO A 36 2.81 27.71 7.44
C PRO A 36 3.75 26.73 8.10
N VAL A 37 4.74 26.28 7.33
CA VAL A 37 5.80 25.42 7.86
C VAL A 37 6.94 26.33 8.27
N ASP A 38 7.15 26.48 9.57
CA ASP A 38 8.15 27.39 10.11
C ASP A 38 9.19 26.61 10.90
N GLY A 39 10.45 26.98 10.75
CA GLY A 39 11.51 26.27 11.43
C GLY A 39 12.80 27.06 11.42
N VAL A 40 13.83 26.44 11.96
CA VAL A 40 15.13 27.07 12.14
C VAL A 40 16.22 26.09 11.74
N VAL A 41 17.14 26.51 10.87
CA VAL A 41 18.27 25.69 10.48
C VAL A 41 19.51 26.20 11.20
N LEU A 42 20.20 25.30 11.89
CA LEU A 42 21.48 25.61 12.52
C LEU A 42 22.58 25.30 11.52
N VAL A 43 23.42 26.31 11.27
CA VAL A 43 24.43 26.28 10.22
C VAL A 43 25.76 26.63 10.85
N ASP A 44 26.81 25.86 10.51
CA ASP A 44 28.14 26.13 11.02
C ASP A 44 28.93 26.89 9.95
N PRO A 45 29.31 28.15 10.20
CA PRO A 45 30.03 28.90 9.13
C PRO A 45 31.36 28.28 8.75
N GLU A 46 32.04 27.59 9.68
CA GLU A 46 33.34 27.01 9.36
C GLU A 46 33.25 26.11 8.12
N TYR A 47 32.27 25.21 8.11
CA TYR A 47 32.04 24.40 6.92
C TYR A 47 31.62 25.28 5.74
N LEU A 48 30.78 26.27 6.01
CA LEU A 48 30.26 27.15 4.95
C LEU A 48 31.27 28.28 4.73
N LYS A 49 32.25 28.01 3.88
CA LYS A 49 33.21 29.04 3.50
C LYS A 49 32.51 30.21 2.83
N GLU A 50 31.90 29.94 1.67
CA GLU A 50 31.06 30.92 1.00
C GLU A 50 29.81 30.28 0.44
N ARG A 51 29.43 29.11 0.95
CA ARG A 51 28.30 28.36 0.42
C ARG A 51 26.99 28.95 0.94
N ARG A 52 25.89 28.33 0.55
CA ARG A 52 24.56 28.81 0.89
C ARG A 52 23.73 27.66 1.47
N VAL A 53 22.77 27.99 2.31
CA VAL A 53 21.87 27.01 2.91
C VAL A 53 20.49 27.19 2.30
N TYR A 54 20.04 26.18 1.57
CA TYR A 54 18.75 26.21 0.91
C TYR A 54 17.83 25.19 1.55
N VAL A 55 16.63 25.62 1.90
CA VAL A 55 15.61 24.76 2.50
C VAL A 55 14.41 24.74 1.58
N THR A 56 13.94 23.54 1.27
CA THR A 56 12.92 23.34 0.24
C THR A 56 11.76 22.54 0.81
N LEU A 57 10.55 23.03 0.56
CA LEU A 57 9.33 22.30 0.88
C LEU A 57 8.84 21.60 -0.38
N THR A 58 8.76 20.28 -0.33
CA THR A 58 8.43 19.46 -1.49
C THR A 58 7.17 18.67 -1.18
N ALA A 59 6.14 18.87 -1.98
CA ALA A 59 4.89 18.13 -1.86
C ALA A 59 4.86 17.10 -2.97
N ALA A 60 5.43 15.92 -2.71
CA ALA A 60 5.62 14.90 -3.71
C ALA A 60 4.42 13.96 -3.72
N PHE A 61 4.28 13.22 -4.81
CA PHE A 61 3.24 12.21 -4.95
C PHE A 61 3.88 11.00 -5.63
N ARG A 62 4.24 10.00 -4.83
CA ARG A 62 4.80 8.76 -5.36
C ARG A 62 3.62 7.92 -5.86
N TYR A 63 3.38 8.02 -7.17
CA TYR A 63 2.21 7.38 -7.76
C TYR A 63 2.51 5.98 -8.28
N GLY A 64 3.77 5.55 -8.23
CA GLY A 64 4.13 4.23 -8.70
C GLY A 64 5.00 3.50 -7.72
N ARG A 65 4.67 2.24 -7.45
CA ARG A 65 5.49 1.45 -6.55
C ARG A 65 6.86 1.20 -7.18
N GLU A 66 7.90 1.26 -6.34
CA GLU A 66 9.25 1.02 -6.84
C GLU A 66 9.60 2.02 -7.93
N ASP A 67 10.62 1.71 -8.72
CA ASP A 67 11.04 2.56 -9.81
C ASP A 67 12.03 1.77 -10.67
N LEU A 68 12.52 2.40 -11.73
CA LEU A 68 13.48 1.76 -12.63
C LEU A 68 12.93 0.47 -13.21
N ASP A 69 11.61 0.45 -13.45
CA ASP A 69 11.01 -0.72 -14.08
C ASP A 69 11.56 -0.93 -15.48
N VAL A 70 11.77 0.15 -16.23
CA VAL A 70 12.38 0.09 -17.56
C VAL A 70 13.75 0.72 -17.51
N LEU A 71 14.40 0.65 -16.35
CA LEU A 71 15.77 1.15 -16.17
C LEU A 71 15.84 2.66 -16.43
N GLY A 72 15.16 3.41 -15.55
CA GLY A 72 15.25 4.86 -15.59
C GLY A 72 13.99 5.59 -15.19
N LEU A 73 12.84 4.91 -15.20
CA LEU A 73 11.57 5.58 -14.94
C LEU A 73 11.31 5.62 -13.43
N THR A 74 11.10 6.82 -12.90
CA THR A 74 10.77 7.04 -11.49
C THR A 74 9.39 7.67 -11.41
N PHE A 75 8.52 7.10 -10.58
CA PHE A 75 7.14 7.57 -10.43
C PHE A 75 7.07 8.42 -9.16
N ARG A 76 7.37 9.70 -9.29
CA ARG A 76 7.31 10.62 -8.16
C ARG A 76 7.16 12.02 -8.71
N LYS A 77 5.98 12.60 -8.56
CA LYS A 77 5.67 13.90 -9.14
C LYS A 77 5.65 14.94 -8.03
N ASP A 78 6.42 16.01 -8.21
CA ASP A 78 6.52 17.08 -7.22
C ASP A 78 5.34 18.03 -7.42
N LEU A 79 4.31 17.89 -6.59
CA LEU A 79 3.12 18.70 -6.75
C LEU A 79 3.40 20.17 -6.46
N PHE A 80 4.29 20.45 -5.53
CA PHE A 80 4.58 21.83 -5.14
C PHE A 80 5.93 21.89 -4.46
N VAL A 81 6.87 22.62 -5.04
CA VAL A 81 8.20 22.80 -4.48
C VAL A 81 8.42 24.29 -4.23
N ALA A 82 8.89 24.63 -3.04
CA ALA A 82 9.17 26.02 -2.68
C ALA A 82 10.54 26.08 -2.01
N ASN A 83 11.36 27.04 -2.43
CA ASN A 83 12.72 27.18 -1.96
C ASN A 83 12.88 28.54 -1.30
N VAL A 84 13.53 28.56 -0.14
CA VAL A 84 13.92 29.81 0.52
C VAL A 84 15.33 29.63 1.06
N GLN A 85 16.15 30.66 0.88
CA GLN A 85 17.56 30.63 1.25
C GLN A 85 17.70 31.21 2.65
N SER A 86 17.96 30.34 3.63
CA SER A 86 18.09 30.81 5.01
C SER A 86 19.41 31.55 5.23
N PHE A 87 20.52 31.00 4.74
CA PHE A 87 21.83 31.60 4.93
C PHE A 87 22.51 31.83 3.60
N PRO A 88 23.04 33.04 3.34
CA PRO A 88 22.97 34.24 4.18
C PRO A 88 21.59 34.86 4.09
N PRO A 89 21.07 35.46 5.16
CA PRO A 89 19.69 35.97 5.11
C PRO A 89 19.55 37.05 4.06
N ALA A 90 18.65 36.81 3.11
CA ALA A 90 18.41 37.80 2.07
C ALA A 90 17.63 38.97 2.66
N PRO A 91 18.13 40.20 2.53
CA PRO A 91 17.40 41.34 3.13
C PRO A 91 16.01 41.53 2.53
N GLU A 92 15.75 40.98 1.35
CA GLU A 92 14.43 41.07 0.75
C GLU A 92 13.36 40.28 1.51
N ASP A 93 13.77 39.44 2.46
CA ASP A 93 12.81 38.61 3.18
C ASP A 93 11.73 39.47 3.84
N LYS A 94 12.13 40.30 4.80
CA LYS A 94 11.19 41.19 5.49
C LYS A 94 10.01 40.42 6.05
N LYS A 95 10.28 39.22 6.56
CA LYS A 95 9.20 38.39 7.11
C LYS A 95 9.18 38.50 8.63
N PRO A 96 8.01 38.50 9.27
CA PRO A 96 7.98 38.54 10.73
C PRO A 96 8.15 37.15 11.32
N LEU A 97 9.17 36.98 12.15
CA LEU A 97 9.40 35.69 12.78
C LEU A 97 8.21 35.29 13.64
N THR A 98 7.82 34.03 13.54
CA THR A 98 6.79 33.50 14.42
C THR A 98 7.36 33.29 15.82
N ARG A 99 6.47 33.03 16.78
CA ARG A 99 6.91 32.85 18.16
C ARG A 99 7.87 31.66 18.26
N LEU A 100 7.52 30.55 17.63
CA LEU A 100 8.39 29.37 17.68
C LEU A 100 9.75 29.68 17.06
N GLN A 101 9.75 30.37 15.92
CA GLN A 101 11.01 30.68 15.26
C GLN A 101 11.87 31.60 16.12
N GLU A 102 11.25 32.62 16.71
CA GLU A 102 12.00 33.53 17.56
C GLU A 102 12.57 32.80 18.77
N ARG A 103 11.78 31.93 19.39
CA ARG A 103 12.28 31.18 20.54
C ARG A 103 13.41 30.25 20.15
N LEU A 104 13.30 29.59 19.00
CA LEU A 104 14.38 28.72 18.54
C LEU A 104 15.65 29.52 18.30
N ILE A 105 15.51 30.70 17.70
CA ILE A 105 16.69 31.54 17.44
C ILE A 105 17.30 31.99 18.76
N LYS A 106 16.46 32.24 19.78
CA LYS A 106 16.99 32.62 21.07
C LYS A 106 17.72 31.47 21.74
N LYS A 107 17.11 30.27 21.74
CA LYS A 107 17.74 29.14 22.40
C LYS A 107 19.07 28.78 21.74
N LEU A 108 19.09 28.75 20.41
CA LEU A 108 20.33 28.56 19.69
C LEU A 108 21.10 29.88 19.65
N GLY A 109 22.35 29.82 19.19
CA GLY A 109 23.18 31.00 19.12
C GLY A 109 22.73 31.94 18.03
N GLU A 110 23.69 32.69 17.51
CA GLU A 110 23.42 33.58 16.38
C GLU A 110 23.30 32.83 15.06
N HIS A 111 23.94 31.67 14.94
CA HIS A 111 24.04 30.97 13.67
C HIS A 111 22.77 30.25 13.28
N ALA A 112 21.75 30.23 14.13
CA ALA A 112 20.44 29.73 13.75
C ALA A 112 19.77 30.71 12.81
N TYR A 113 19.17 30.19 11.74
CA TYR A 113 18.58 31.02 10.71
C TYR A 113 17.17 30.55 10.40
N PRO A 114 16.19 31.45 10.34
CA PRO A 114 14.80 31.03 10.18
C PRO A 114 14.46 30.67 8.75
N PHE A 115 13.39 29.90 8.61
CA PHE A 115 12.88 29.54 7.31
C PHE A 115 11.41 29.18 7.42
N THR A 116 10.58 29.82 6.60
CA THR A 116 9.13 29.70 6.68
C THR A 116 8.56 29.56 5.28
N PHE A 117 7.96 28.42 4.99
CA PHE A 117 7.18 28.25 3.77
C PHE A 117 5.69 28.41 4.08
N GLU A 118 4.96 28.81 3.05
CA GLU A 118 3.50 28.85 3.08
C GLU A 118 2.98 27.85 2.07
N ILE A 119 2.23 26.87 2.54
CA ILE A 119 1.62 25.89 1.63
C ILE A 119 0.41 26.52 0.95
N PRO A 120 0.27 26.39 -0.37
CA PRO A 120 -0.89 26.98 -1.02
C PRO A 120 -2.17 26.31 -0.55
N PRO A 121 -3.31 26.98 -0.70
CA PRO A 121 -4.56 26.43 -0.16
C PRO A 121 -4.95 25.07 -0.72
N ASN A 122 -5.12 24.97 -2.03
CA ASN A 122 -5.68 23.76 -2.64
C ASN A 122 -4.55 22.80 -2.96
N LEU A 123 -4.22 21.95 -2.00
CA LEU A 123 -3.21 20.92 -2.21
C LEU A 123 -3.69 19.62 -1.58
N PRO A 124 -3.24 18.48 -2.08
CA PRO A 124 -3.63 17.21 -1.47
C PRO A 124 -3.05 17.05 -0.08
N SER A 125 -3.78 16.34 0.76
CA SER A 125 -3.34 16.04 2.12
C SER A 125 -2.53 14.76 2.14
N SER A 126 -1.69 14.63 3.16
CA SER A 126 -0.75 13.52 3.25
C SER A 126 -1.50 12.22 3.48
N VAL A 127 -1.59 11.39 2.44
CA VAL A 127 -2.23 10.08 2.52
C VAL A 127 -1.35 9.07 1.79
N THR A 128 -1.44 7.81 2.21
CA THR A 128 -0.70 6.73 1.60
C THR A 128 -1.64 5.56 1.36
N LEU A 129 -1.63 5.04 0.14
CA LEU A 129 -2.45 3.86 -0.13
C LEU A 129 -1.79 2.63 0.45
N GLN A 130 -2.60 1.67 0.86
CA GLN A 130 -2.11 0.55 1.65
C GLN A 130 -1.11 -0.26 0.83
N PRO A 131 0.07 -0.57 1.37
CA PRO A 131 1.05 -1.35 0.59
C PRO A 131 0.57 -2.71 0.18
N GLY A 132 -0.26 -3.36 1.00
CA GLY A 132 -0.64 -4.73 0.76
C GLY A 132 0.27 -5.69 1.50
N PRO A 133 -0.12 -6.96 1.57
CA PRO A 133 0.67 -7.92 2.37
C PRO A 133 2.13 -7.98 1.98
N GLU A 134 2.46 -7.92 0.68
CA GLU A 134 3.84 -8.09 0.22
C GLU A 134 4.10 -7.11 -0.92
N ASP A 135 4.62 -5.94 -0.56
CA ASP A 135 5.16 -4.99 -1.54
C ASP A 135 6.49 -4.40 -1.16
N THR A 136 6.85 -4.35 0.13
CA THR A 136 8.10 -3.75 0.61
C THR A 136 8.27 -2.40 -0.08
N GLY A 137 9.47 -2.03 -0.53
CA GLY A 137 9.66 -0.79 -1.26
C GLY A 137 9.11 0.42 -0.54
N LYS A 138 8.30 1.20 -1.25
CA LYS A 138 7.66 2.38 -0.68
C LYS A 138 6.18 2.36 -1.04
N ALA A 139 5.41 3.17 -0.33
CA ALA A 139 3.97 3.24 -0.50
C ALA A 139 3.60 4.31 -1.53
N ILE A 140 2.53 4.04 -2.27
CA ILE A 140 2.00 4.99 -3.23
C ILE A 140 1.15 6.00 -2.48
N GLY A 141 1.49 7.27 -2.58
CA GLY A 141 0.71 8.30 -1.91
C GLY A 141 1.38 9.64 -1.99
N VAL A 142 0.69 10.62 -1.40
CA VAL A 142 1.17 12.00 -1.34
C VAL A 142 1.93 12.20 -0.05
N ASP A 143 3.11 12.81 -0.13
CA ASP A 143 3.98 13.03 1.01
C ASP A 143 4.50 14.46 0.97
N TYR A 144 4.89 14.95 2.13
CA TYR A 144 5.44 16.30 2.26
C TYR A 144 6.78 16.23 2.97
N GLU A 145 7.75 16.97 2.46
CA GLU A 145 9.13 16.86 2.93
C GLU A 145 9.74 18.24 3.03
N VAL A 146 10.53 18.45 4.07
CA VAL A 146 11.32 19.67 4.24
C VAL A 146 12.79 19.27 4.20
N LYS A 147 13.52 19.76 3.20
CA LYS A 147 14.88 19.33 2.93
C LYS A 147 15.82 20.53 3.01
N ALA A 148 16.77 20.48 3.93
CA ALA A 148 17.73 21.56 4.13
C ALA A 148 19.10 21.06 3.70
N PHE A 149 19.72 21.77 2.75
CA PHE A 149 21.00 21.34 2.21
C PHE A 149 21.91 22.55 2.04
N VAL A 150 23.20 22.25 1.87
CA VAL A 150 24.22 23.27 1.63
C VAL A 150 24.65 23.14 0.18
N ALA A 151 24.62 24.26 -0.55
CA ALA A 151 25.05 24.29 -1.93
C ALA A 151 25.42 25.72 -2.30
N GLU A 152 26.21 25.85 -3.36
CA GLU A 152 26.58 27.17 -3.87
C GLU A 152 25.63 27.68 -4.94
N ASN A 153 24.76 26.83 -5.48
CA ASN A 153 23.80 27.25 -6.49
C ASN A 153 22.56 26.39 -6.38
N LEU A 154 21.45 26.91 -6.91
CA LEU A 154 20.18 26.21 -6.83
C LEU A 154 20.19 24.90 -7.61
N GLU A 155 21.05 24.76 -8.62
CA GLU A 155 21.09 23.58 -9.47
C GLU A 155 22.27 22.67 -9.18
N GLU A 156 23.17 23.05 -8.28
CA GLU A 156 24.32 22.21 -7.97
C GLU A 156 23.86 20.88 -7.39
N LYS A 157 24.57 19.82 -7.77
CA LYS A 157 24.21 18.48 -7.33
C LYS A 157 24.09 18.44 -5.82
N ILE A 158 22.89 18.19 -5.32
CA ILE A 158 22.67 18.16 -3.88
C ILE A 158 23.40 16.96 -3.30
N HIS A 159 24.18 17.20 -2.25
CA HIS A 159 24.95 16.15 -1.61
C HIS A 159 24.13 15.55 -0.47
N LYS A 160 24.05 14.22 -0.44
CA LYS A 160 23.34 13.53 0.63
C LYS A 160 24.09 13.52 1.92
N ARG A 161 25.24 14.19 1.98
CA ARG A 161 26.04 14.23 3.19
C ARG A 161 25.83 15.49 4.00
N ASN A 162 25.30 16.56 3.39
CA ASN A 162 25.03 17.81 4.09
C ASN A 162 23.55 18.18 4.04
N SER A 163 22.68 17.22 3.76
CA SER A 163 21.26 17.46 3.65
C SER A 163 20.50 16.73 4.74
N VAL A 164 19.46 17.36 5.25
CA VAL A 164 18.54 16.78 6.22
C VAL A 164 17.15 16.79 5.61
N ARG A 165 16.45 15.67 5.72
CA ARG A 165 15.09 15.55 5.19
C ARG A 165 14.15 15.18 6.33
N LEU A 166 13.15 16.03 6.56
CA LEU A 166 12.14 15.82 7.59
C LEU A 166 10.79 15.66 6.91
N VAL A 167 10.17 14.51 7.09
CA VAL A 167 8.86 14.27 6.51
C VAL A 167 7.80 14.89 7.41
N ILE A 168 6.98 15.77 6.85
CA ILE A 168 5.91 16.43 7.57
C ILE A 168 4.58 15.99 6.96
N GLU A 169 3.52 16.14 7.75
CA GLU A 169 2.18 15.74 7.34
C GLU A 169 1.28 16.97 7.34
N LYS A 170 0.52 17.13 6.26
CA LYS A 170 -0.48 18.19 6.16
C LYS A 170 -1.85 17.52 6.24
N VAL A 171 -2.64 17.90 7.24
CA VAL A 171 -3.85 17.18 7.60
C VAL A 171 -5.01 18.15 7.79
N GLN A 172 -6.21 17.60 7.78
CA GLN A 172 -7.44 18.35 8.02
C GLN A 172 -8.18 17.70 9.17
N TYR A 173 -8.83 18.52 10.00
CA TYR A 173 -9.60 18.04 11.13
C TYR A 173 -11.08 18.39 10.95
N ALA A 174 -11.91 17.70 11.70
CA ALA A 174 -13.35 17.78 11.48
C ALA A 174 -13.86 19.19 11.76
N PRO A 175 -14.74 19.74 10.92
CA PRO A 175 -15.27 21.07 11.20
C PRO A 175 -16.18 21.07 12.41
N GLU A 176 -16.24 22.22 13.09
CA GLU A 176 -16.94 22.30 14.36
C GLU A 176 -18.45 22.13 14.18
N ARG A 177 -19.03 22.83 13.22
CA ARG A 177 -20.48 22.84 13.07
C ARG A 177 -20.93 21.58 12.34
N PRO A 178 -21.79 20.74 12.94
CA PRO A 178 -22.23 19.54 12.23
C PRO A 178 -23.05 19.89 11.00
N GLY A 179 -22.94 19.04 9.99
CA GLY A 179 -23.64 19.26 8.74
C GLY A 179 -25.05 18.72 8.77
N PRO A 180 -25.73 18.80 7.63
CA PRO A 180 -27.09 18.25 7.54
C PRO A 180 -27.10 16.74 7.66
N GLN A 181 -28.24 16.23 8.11
CA GLN A 181 -28.40 14.79 8.30
C GLN A 181 -28.45 14.09 6.95
N PRO A 182 -27.54 13.16 6.65
CA PRO A 182 -27.59 12.48 5.35
C PRO A 182 -28.75 11.50 5.26
N THR A 183 -29.79 11.88 4.51
CA THR A 183 -30.94 11.01 4.28
C THR A 183 -31.27 11.04 2.81
N ALA A 184 -31.24 9.89 2.17
CA ALA A 184 -31.55 9.76 0.75
C ALA A 184 -32.53 8.63 0.56
N GLU A 185 -33.45 8.80 -0.37
CA GLU A 185 -34.53 7.85 -0.61
C GLU A 185 -34.60 7.50 -2.08
N THR A 186 -34.81 6.22 -2.37
CA THR A 186 -35.02 5.74 -3.73
C THR A 186 -36.39 5.12 -3.83
N THR A 187 -37.17 5.59 -4.81
CA THR A 187 -38.49 5.09 -5.11
C THR A 187 -38.39 4.35 -6.44
N ARG A 188 -38.43 3.03 -6.38
CA ARG A 188 -38.19 2.18 -7.54
C ARG A 188 -39.42 1.33 -7.83
N GLN A 189 -39.87 1.35 -9.08
CA GLN A 189 -41.02 0.59 -9.53
C GLN A 189 -40.57 -0.59 -10.38
N PHE A 190 -41.52 -1.49 -10.66
CA PHE A 190 -41.23 -2.69 -11.44
C PHE A 190 -42.33 -2.93 -12.46
N LEU A 191 -42.33 -4.11 -13.08
CA LEU A 191 -43.37 -4.44 -14.06
C LEU A 191 -44.76 -4.28 -13.45
N MET A 192 -44.88 -4.53 -12.15
CA MET A 192 -46.12 -4.27 -11.43
C MET A 192 -46.10 -2.82 -11.00
N SER A 193 -46.64 -1.95 -11.84
CA SER A 193 -46.56 -0.51 -11.66
C SER A 193 -47.58 0.03 -10.68
N ASP A 194 -48.16 -0.83 -9.83
CA ASP A 194 -49.16 -0.36 -8.87
C ASP A 194 -48.56 0.70 -7.94
N LYS A 195 -47.56 0.31 -7.16
CA LYS A 195 -46.90 1.23 -6.26
C LYS A 195 -45.47 0.73 -6.04
N PRO A 196 -44.49 1.62 -5.96
CA PRO A 196 -43.09 1.19 -5.92
C PRO A 196 -42.52 1.02 -4.52
N LEU A 197 -41.37 0.36 -4.47
CA LEU A 197 -40.54 0.37 -3.26
C LEU A 197 -40.10 1.79 -2.97
N HIS A 198 -39.99 2.11 -1.68
CA HIS A 198 -39.72 3.47 -1.23
C HIS A 198 -38.62 3.48 -0.17
N LEU A 199 -37.48 2.87 -0.48
CA LEU A 199 -36.40 2.81 0.49
C LEU A 199 -36.02 4.22 0.93
N GLU A 200 -35.90 4.42 2.24
CA GLU A 200 -35.70 5.75 2.82
C GLU A 200 -34.58 5.73 3.85
N ALA A 201 -33.45 5.12 3.49
CA ALA A 201 -32.33 5.03 4.42
C ALA A 201 -31.92 6.41 4.91
N SER A 202 -31.27 6.44 6.07
CA SER A 202 -30.83 7.69 6.66
C SER A 202 -29.76 7.42 7.71
N LEU A 203 -28.75 8.27 7.75
CA LEU A 203 -27.74 8.23 8.78
C LEU A 203 -28.13 9.18 9.91
N ASP A 204 -27.28 9.26 10.94
CA ASP A 204 -27.61 10.09 12.10
C ASP A 204 -27.00 11.49 12.00
N LYS A 205 -25.83 11.62 11.37
CA LYS A 205 -25.17 12.90 11.24
C LYS A 205 -24.18 12.82 10.08
N GLU A 206 -23.63 13.98 9.71
CA GLU A 206 -22.69 14.01 8.60
C GLU A 206 -21.26 13.74 9.05
N ILE A 207 -20.90 14.14 10.26
CA ILE A 207 -19.54 14.02 10.76
C ILE A 207 -19.48 12.79 11.66
N TYR A 208 -18.63 11.83 11.29
CA TYR A 208 -18.45 10.61 12.06
C TYR A 208 -16.97 10.45 12.35
N TYR A 209 -16.57 10.75 13.58
CA TYR A 209 -15.18 10.64 13.94
C TYR A 209 -14.72 9.18 13.82
N HIS A 210 -13.42 9.01 13.59
CA HIS A 210 -12.90 7.69 13.26
C HIS A 210 -13.21 6.69 14.35
N GLY A 211 -13.60 5.48 13.93
CA GLY A 211 -13.89 4.41 14.87
C GLY A 211 -15.23 4.50 15.55
N GLU A 212 -16.12 5.37 15.09
CA GLU A 212 -17.42 5.53 15.70
C GLU A 212 -18.52 4.99 14.81
N PRO A 213 -19.66 4.61 15.37
CA PRO A 213 -20.66 3.89 14.60
C PRO A 213 -21.38 4.79 13.59
N ILE A 214 -21.97 4.14 12.60
CA ILE A 214 -22.73 4.82 11.55
C ILE A 214 -24.11 4.20 11.56
N SER A 215 -25.01 4.78 12.34
CA SER A 215 -26.40 4.32 12.35
C SER A 215 -27.01 4.52 10.98
N VAL A 216 -27.80 3.56 10.53
CA VAL A 216 -28.47 3.61 9.24
C VAL A 216 -29.90 3.15 9.48
N ASN A 217 -30.82 4.10 9.55
CA ASN A 217 -32.24 3.79 9.68
C ASN A 217 -32.81 3.49 8.30
N VAL A 218 -33.19 2.24 8.08
CA VAL A 218 -33.59 1.77 6.75
C VAL A 218 -35.09 1.53 6.81
N HIS A 219 -35.87 2.56 6.49
CA HIS A 219 -37.33 2.44 6.42
C HIS A 219 -37.71 2.02 5.02
N VAL A 220 -38.42 0.90 4.90
CA VAL A 220 -38.80 0.32 3.62
C VAL A 220 -40.29 0.04 3.65
N THR A 221 -40.94 0.24 2.50
CA THR A 221 -42.37 -0.03 2.36
C THR A 221 -42.59 -0.67 1.00
N ASN A 222 -42.65 -1.99 0.97
CA ASN A 222 -42.73 -2.73 -0.30
C ASN A 222 -44.17 -2.78 -0.75
N ASN A 223 -44.63 -1.64 -1.30
CA ASN A 223 -45.97 -1.59 -1.85
C ASN A 223 -46.11 -2.43 -3.12
N THR A 224 -45.01 -2.89 -3.69
CA THR A 224 -45.04 -3.79 -4.83
C THR A 224 -44.95 -5.24 -4.35
N ASN A 225 -45.38 -6.15 -5.23
CA ASN A 225 -45.46 -7.55 -4.85
C ASN A 225 -44.08 -8.12 -4.55
N LYS A 226 -43.10 -7.82 -5.39
CA LYS A 226 -41.79 -8.45 -5.25
C LYS A 226 -41.22 -8.17 -3.87
N THR A 227 -40.64 -9.20 -3.27
CA THR A 227 -40.12 -9.15 -1.91
C THR A 227 -38.67 -8.67 -1.94
N VAL A 228 -38.12 -8.46 -0.74
CA VAL A 228 -36.71 -8.13 -0.57
C VAL A 228 -36.09 -9.22 0.28
N LYS A 229 -35.18 -9.99 -0.32
CA LYS A 229 -34.56 -11.10 0.38
C LYS A 229 -33.58 -10.63 1.44
N LYS A 230 -32.82 -9.57 1.15
CA LYS A 230 -31.78 -9.13 2.05
C LYS A 230 -31.56 -7.63 1.91
N ILE A 231 -30.93 -7.06 2.93
CA ILE A 231 -30.48 -5.67 2.92
C ILE A 231 -28.99 -5.66 3.21
N LYS A 232 -28.22 -5.12 2.28
CA LYS A 232 -26.77 -5.12 2.33
C LYS A 232 -26.31 -3.68 2.53
N ILE A 233 -25.75 -3.38 3.70
CA ILE A 233 -25.26 -2.04 4.01
C ILE A 233 -23.73 -2.09 4.00
N SER A 234 -23.12 -1.19 3.24
CA SER A 234 -21.67 -1.12 3.15
C SER A 234 -21.21 0.30 3.41
N VAL A 235 -19.97 0.47 3.84
CA VAL A 235 -19.35 1.78 3.98
C VAL A 235 -18.17 1.82 3.05
N ARG A 236 -18.33 2.50 1.91
CA ARG A 236 -17.35 2.48 0.83
C ARG A 236 -16.50 3.73 0.89
N GLN A 237 -15.18 3.52 0.89
CA GLN A 237 -14.20 4.60 0.81
C GLN A 237 -13.90 4.90 -0.64
N TYR A 238 -14.07 6.15 -1.03
CA TYR A 238 -13.86 6.60 -2.39
C TYR A 238 -12.55 7.38 -2.45
N ALA A 239 -11.56 6.81 -3.13
CA ALA A 239 -10.28 7.44 -3.35
C ALA A 239 -10.21 7.94 -4.79
N ASP A 240 -10.17 9.24 -4.96
CA ASP A 240 -10.06 9.88 -6.28
C ASP A 240 -8.59 10.26 -6.47
N ILE A 241 -7.92 9.55 -7.37
CA ILE A 241 -6.55 9.86 -7.75
C ILE A 241 -6.58 10.63 -9.07
N VAL A 242 -5.97 11.81 -9.07
CA VAL A 242 -6.18 12.76 -10.16
C VAL A 242 -4.88 13.12 -10.84
N LEU A 243 -3.94 12.18 -10.91
CA LEU A 243 -2.66 12.40 -11.58
C LEU A 243 -2.78 11.97 -13.03
N PHE A 244 -2.58 12.93 -13.94
CA PHE A 244 -2.64 12.67 -15.38
C PHE A 244 -4.02 12.16 -15.78
N ASN A 245 -4.36 10.95 -15.34
CA ASN A 245 -5.64 10.32 -15.64
C ASN A 245 -6.46 10.25 -14.37
N THR A 246 -7.53 11.04 -14.29
CA THR A 246 -8.38 11.02 -13.12
C THR A 246 -9.03 9.65 -12.94
N ALA A 247 -9.19 9.24 -11.69
CA ALA A 247 -9.76 7.94 -11.39
C ALA A 247 -10.52 8.03 -10.09
N GLN A 248 -11.41 7.05 -9.88
CA GLN A 248 -12.18 6.93 -8.64
C GLN A 248 -12.15 5.48 -8.21
N TYR A 249 -11.37 5.18 -7.18
CA TYR A 249 -11.32 3.85 -6.59
C TYR A 249 -12.26 3.79 -5.40
N LYS A 250 -12.99 2.67 -5.28
CA LYS A 250 -13.96 2.48 -4.22
C LYS A 250 -13.66 1.16 -3.54
N VAL A 251 -13.14 1.23 -2.32
CA VAL A 251 -12.79 0.03 -1.54
C VAL A 251 -13.79 -0.09 -0.39
N PRO A 252 -14.61 -1.15 -0.35
CA PRO A 252 -15.49 -1.33 0.82
C PRO A 252 -14.68 -1.55 2.08
N VAL A 253 -15.21 -1.07 3.20
CA VAL A 253 -14.51 -1.09 4.47
C VAL A 253 -15.22 -1.95 5.50
N ALA A 254 -16.50 -1.67 5.76
CA ALA A 254 -17.30 -2.45 6.68
C ALA A 254 -18.66 -2.72 6.08
N MET A 255 -19.15 -3.95 6.25
CA MET A 255 -20.37 -4.40 5.61
C MET A 255 -21.26 -5.13 6.61
N GLU A 256 -22.55 -5.21 6.25
CA GLU A 256 -23.55 -5.95 7.03
C GLU A 256 -24.54 -6.53 6.02
N GLU A 257 -24.58 -7.85 5.93
CA GLU A 257 -25.43 -8.56 4.97
C GLU A 257 -26.73 -8.99 5.67
N ALA A 258 -27.45 -8.01 6.19
CA ALA A 258 -28.62 -8.32 7.00
C ALA A 258 -29.63 -9.12 6.18
N ASP A 259 -30.19 -10.14 6.80
CA ASP A 259 -31.15 -11.03 6.16
C ASP A 259 -32.59 -10.59 6.35
N ASP A 260 -32.81 -9.43 6.97
CA ASP A 260 -34.17 -8.98 7.22
C ASP A 260 -34.93 -8.84 5.91
N THR A 261 -36.20 -9.25 5.95
CA THR A 261 -37.05 -9.30 4.76
C THR A 261 -38.28 -8.42 4.97
N VAL A 262 -38.84 -7.95 3.86
CA VAL A 262 -40.04 -7.14 3.86
C VAL A 262 -41.08 -7.85 2.99
N ALA A 263 -42.23 -8.14 3.56
CA ALA A 263 -43.27 -8.82 2.81
C ALA A 263 -43.95 -7.86 1.85
N PRO A 264 -44.48 -8.38 0.73
CA PRO A 264 -45.28 -7.56 -0.20
C PRO A 264 -46.25 -6.73 0.60
N SER A 265 -46.45 -5.47 0.20
CA SER A 265 -47.38 -4.53 0.81
C SER A 265 -47.19 -4.45 2.32
N SER A 266 -45.94 -4.44 2.75
CA SER A 266 -45.60 -4.41 4.16
C SER A 266 -44.48 -3.40 4.37
N THR A 267 -44.42 -2.88 5.60
CA THR A 267 -43.42 -1.91 5.99
C THR A 267 -42.39 -2.58 6.89
N PHE A 268 -41.27 -1.90 7.08
CA PHE A 268 -40.20 -2.43 7.89
C PHE A 268 -39.19 -1.35 8.24
N SER A 269 -38.86 -1.21 9.52
CA SER A 269 -37.92 -0.22 10.00
C SER A 269 -36.86 -0.90 10.85
N LYS A 270 -35.61 -0.47 10.69
CA LYS A 270 -34.51 -1.06 11.44
C LYS A 270 -33.35 -0.08 11.42
N VAL A 271 -32.64 0.02 12.54
CA VAL A 271 -31.43 0.82 12.64
C VAL A 271 -30.24 -0.15 12.59
N TYR A 272 -29.56 -0.20 11.46
CA TYR A 272 -28.34 -0.98 11.33
C TYR A 272 -27.16 -0.16 11.82
N THR A 273 -26.11 -0.85 12.26
CA THR A 273 -24.93 -0.18 12.80
C THR A 273 -23.69 -0.78 12.16
N LEU A 274 -22.90 0.06 11.50
CA LEU A 274 -21.66 -0.34 10.86
C LEU A 274 -20.54 0.53 11.42
N THR A 275 -19.38 -0.07 11.63
CA THR A 275 -18.22 0.68 12.08
C THR A 275 -17.05 0.36 11.14
N PRO A 276 -16.49 1.35 10.45
CA PRO A 276 -15.29 1.09 9.63
C PRO A 276 -14.05 1.04 10.52
N PHE A 277 -13.33 -0.07 10.48
CA PHE A 277 -12.05 -0.20 11.15
C PHE A 277 -11.06 -0.84 10.19
N LEU A 278 -9.79 -0.84 10.59
CA LEU A 278 -8.71 -1.32 9.74
C LEU A 278 -8.37 -2.79 9.97
N ALA A 279 -8.84 -3.40 11.07
CA ALA A 279 -8.47 -4.77 11.36
C ALA A 279 -8.92 -5.71 10.24
N ASN A 280 -10.14 -5.55 9.76
CA ASN A 280 -10.68 -6.44 8.74
C ASN A 280 -10.42 -5.93 7.33
N ASN A 281 -9.71 -4.81 7.18
CA ASN A 281 -9.35 -4.29 5.86
C ASN A 281 -7.85 -4.28 5.64
N ARG A 282 -7.09 -4.95 6.51
CA ARG A 282 -5.65 -4.96 6.38
C ARG A 282 -5.19 -5.65 5.11
N GLU A 283 -6.02 -6.52 4.54
CA GLU A 283 -5.69 -7.22 3.30
C GLU A 283 -6.20 -6.51 2.06
N LYS A 284 -6.88 -5.37 2.22
CA LYS A 284 -7.47 -4.65 1.09
C LYS A 284 -6.41 -3.72 0.53
N ARG A 285 -5.70 -4.18 -0.49
CA ARG A 285 -4.67 -3.36 -1.12
C ARG A 285 -5.31 -2.15 -1.81
N GLY A 286 -4.55 -1.07 -1.86
CA GLY A 286 -5.01 0.16 -2.46
C GLY A 286 -5.80 1.06 -1.53
N LEU A 287 -6.07 0.62 -0.31
CA LEU A 287 -6.86 1.42 0.62
C LEU A 287 -6.09 2.67 1.02
N ALA A 288 -6.79 3.79 1.11
CA ALA A 288 -6.18 5.05 1.49
C ALA A 288 -6.11 5.15 3.01
N LEU A 289 -4.91 5.41 3.52
CA LEU A 289 -4.66 5.55 4.95
C LEU A 289 -4.02 6.91 5.20
N ASP A 290 -4.11 7.35 6.44
CA ASP A 290 -3.56 8.65 6.79
C ASP A 290 -2.05 8.67 6.56
N GLY A 291 -1.53 9.86 6.29
CA GLY A 291 -0.12 9.98 5.94
C GLY A 291 0.77 9.40 7.03
N LYS A 292 1.76 8.62 6.59
CA LYS A 292 2.68 7.94 7.48
C LYS A 292 4.05 8.61 7.41
N LEU A 293 4.62 8.93 8.57
CA LEU A 293 6.00 9.41 8.58
C LEU A 293 6.97 8.29 8.25
N LYS A 294 6.68 7.08 8.72
CA LYS A 294 7.49 5.90 8.45
C LYS A 294 6.54 4.74 8.22
N HIS A 295 7.07 3.51 8.24
CA HIS A 295 6.24 2.32 8.10
C HIS A 295 5.63 1.99 9.45
N GLU A 296 4.59 2.74 9.80
CA GLU A 296 3.90 2.59 11.07
C GLU A 296 2.40 2.54 10.82
N ASP A 297 1.68 1.98 11.78
CA ASP A 297 0.24 1.83 11.65
C ASP A 297 -0.44 3.20 11.66
N THR A 298 -1.40 3.38 10.74
CA THR A 298 -2.22 4.59 10.70
C THR A 298 -3.65 4.19 10.40
N ASN A 299 -4.55 5.14 10.59
CA ASN A 299 -5.98 4.89 10.47
C ASN A 299 -6.42 4.97 9.01
N LEU A 300 -7.69 4.67 8.78
CA LEU A 300 -8.29 4.91 7.48
C LEU A 300 -8.20 6.40 7.16
N ALA A 301 -7.93 6.70 5.89
CA ALA A 301 -7.72 8.09 5.51
C ALA A 301 -8.93 8.94 5.85
N SER A 302 -8.68 10.09 6.47
CA SER A 302 -9.76 11.00 6.80
C SER A 302 -10.32 11.65 5.54
N SER A 303 -11.57 12.05 5.61
CA SER A 303 -12.21 12.69 4.47
C SER A 303 -11.52 14.01 4.17
N THR A 304 -11.38 14.30 2.88
CA THR A 304 -10.72 15.51 2.40
C THR A 304 -11.77 16.61 2.23
N LEU A 305 -11.53 17.76 2.85
CA LEU A 305 -12.45 18.89 2.76
C LEU A 305 -11.99 19.83 1.66
N LEU A 306 -12.95 20.31 0.87
CA LEU A 306 -12.66 21.14 -0.29
C LEU A 306 -13.60 22.34 -0.29
N ARG A 307 -13.15 23.40 -0.96
CA ARG A 307 -13.99 24.58 -1.16
C ARG A 307 -14.94 24.35 -2.32
N GLU A 308 -16.19 24.74 -2.13
CA GLU A 308 -17.22 24.45 -3.13
C GLU A 308 -16.85 25.04 -4.47
N GLY A 309 -17.00 24.23 -5.52
CA GLY A 309 -16.73 24.68 -6.87
C GLY A 309 -15.31 25.16 -7.09
N ALA A 310 -14.32 24.44 -6.55
CA ALA A 310 -12.94 24.83 -6.69
C ALA A 310 -12.00 23.66 -6.96
N ASN A 311 -12.51 22.44 -7.13
CA ASN A 311 -11.67 21.27 -7.36
C ASN A 311 -11.19 21.30 -8.82
N ARG A 312 -10.15 22.09 -9.05
CA ARG A 312 -9.55 22.20 -10.38
C ARG A 312 -8.64 20.99 -10.64
N GLU A 313 -9.27 19.81 -10.66
CA GLU A 313 -8.57 18.53 -10.78
C GLU A 313 -7.26 18.55 -9.99
N ILE A 314 -7.38 18.90 -8.71
CA ILE A 314 -6.23 19.02 -7.82
C ILE A 314 -5.47 17.69 -7.83
N LEU A 315 -4.21 17.74 -8.25
CA LEU A 315 -3.41 16.52 -8.33
C LEU A 315 -3.22 15.94 -6.94
N GLY A 316 -3.47 14.64 -6.81
CA GLY A 316 -3.28 13.96 -5.55
C GLY A 316 -4.39 12.96 -5.32
N ILE A 317 -4.58 12.62 -4.06
CA ILE A 317 -5.59 11.64 -3.64
C ILE A 317 -6.59 12.35 -2.76
N ILE A 318 -7.88 12.22 -3.10
CA ILE A 318 -8.98 12.80 -2.35
C ILE A 318 -9.83 11.67 -1.81
N VAL A 319 -10.05 11.66 -0.51
CA VAL A 319 -10.74 10.57 0.18
C VAL A 319 -12.11 11.06 0.63
N SER A 320 -13.15 10.33 0.22
CA SER A 320 -14.51 10.55 0.70
C SER A 320 -15.07 9.21 1.15
N TYR A 321 -16.26 9.25 1.74
CA TYR A 321 -16.91 8.05 2.24
C TYR A 321 -18.41 8.13 1.97
N LYS A 322 -18.99 7.04 1.48
CA LYS A 322 -20.45 6.96 1.34
C LYS A 322 -20.93 5.61 1.85
N VAL A 323 -22.04 5.62 2.56
CA VAL A 323 -22.68 4.40 3.02
C VAL A 323 -23.71 3.98 1.98
N LYS A 324 -23.54 2.79 1.42
CA LYS A 324 -24.37 2.28 0.35
C LYS A 324 -25.29 1.22 0.94
N VAL A 325 -26.56 1.55 1.05
CA VAL A 325 -27.60 0.61 1.45
C VAL A 325 -28.17 -0.01 0.19
N LYS A 326 -28.43 -1.31 0.21
CA LYS A 326 -28.94 -2.02 -0.95
C LYS A 326 -30.05 -2.97 -0.52
N LEU A 327 -31.16 -2.93 -1.23
CA LEU A 327 -32.22 -3.91 -1.09
C LEU A 327 -32.13 -4.88 -2.27
N VAL A 328 -32.05 -6.17 -1.96
CA VAL A 328 -31.95 -7.21 -2.97
C VAL A 328 -33.35 -7.75 -3.18
N VAL A 329 -34.08 -7.14 -4.11
CA VAL A 329 -35.43 -7.58 -4.44
C VAL A 329 -35.34 -8.93 -5.11
N SER A 330 -36.44 -9.68 -5.12
CA SER A 330 -36.45 -11.02 -5.70
C SER A 330 -35.91 -11.01 -7.12
N SER A 341 -32.21 -6.65 -9.78
CA SER A 341 -32.62 -5.25 -9.69
C SER A 341 -32.42 -4.71 -8.27
N ASP A 342 -31.18 -4.43 -7.93
CA ASP A 342 -30.87 -3.89 -6.60
C ASP A 342 -31.42 -2.47 -6.48
N VAL A 343 -31.90 -2.14 -5.28
CA VAL A 343 -32.37 -0.78 -4.98
C VAL A 343 -31.40 -0.19 -3.97
N ALA A 344 -30.56 0.73 -4.42
CA ALA A 344 -29.44 1.22 -3.62
C ALA A 344 -29.55 2.71 -3.37
N VAL A 345 -29.11 3.13 -2.18
CA VAL A 345 -29.04 4.53 -1.81
C VAL A 345 -27.68 4.79 -1.18
N GLU A 346 -27.03 5.87 -1.60
CA GLU A 346 -25.71 6.24 -1.13
C GLU A 346 -25.80 7.49 -0.26
N LEU A 347 -25.22 7.43 0.93
CA LEU A 347 -25.23 8.54 1.87
C LEU A 347 -23.82 9.04 2.11
N PRO A 348 -23.44 10.23 1.65
CA PRO A 348 -22.11 10.74 1.96
C PRO A 348 -21.96 11.03 3.44
N PHE A 349 -20.72 10.90 3.93
CA PHE A 349 -20.42 11.32 5.29
C PHE A 349 -18.93 11.51 5.45
N THR A 350 -18.57 12.52 6.24
CA THR A 350 -17.17 12.86 6.47
C THR A 350 -16.64 12.08 7.67
N LEU A 351 -15.55 11.36 7.47
CA LEU A 351 -14.94 10.52 8.49
C LEU A 351 -13.58 11.11 8.80
N MET A 352 -13.50 11.93 9.85
CA MET A 352 -12.30 12.70 10.11
C MET A 352 -12.02 12.74 11.61
N HIS A 353 -10.76 12.95 11.95
CA HIS A 353 -10.39 13.16 13.34
C HIS A 353 -10.91 14.51 13.81
N PRO A 354 -11.37 14.61 15.06
CA PRO A 354 -11.63 15.92 15.63
C PRO A 354 -10.33 16.64 15.92
N LYS A 355 -10.40 17.97 15.99
CA LYS A 355 -9.20 18.75 16.23
C LYS A 355 -8.64 18.39 17.59
N PRO A 356 -7.42 17.86 17.69
CA PRO A 356 -6.86 17.51 19.00
C PRO A 356 -6.06 18.63 19.62
N LYS A 357 -6.21 18.78 20.93
CA LYS A 357 -5.45 19.81 21.65
C LYS A 357 -3.95 19.57 21.53
N GLU A 358 -3.53 18.31 21.66
CA GLU A 358 -2.13 17.93 21.49
C GLU A 358 -1.93 17.38 20.09
N GLU A 359 -0.71 17.52 19.58
CA GLU A 359 -0.42 17.05 18.25
C GLU A 359 -0.55 15.52 18.20
N PRO A 360 -0.96 14.97 17.06
CA PRO A 360 -1.04 13.53 16.92
C PRO A 360 0.31 12.87 17.11
N PRO A 361 0.37 11.65 17.69
CA PRO A 361 1.63 10.86 17.73
C PRO A 361 1.65 10.01 16.46
N HIS A 362 2.52 10.34 15.49
CA HIS A 362 2.62 9.60 14.22
C HIS A 362 3.31 8.27 14.37
N ARG A 363 3.55 7.85 15.61
CA ARG A 363 3.94 6.50 15.94
C ARG A 363 2.87 5.88 16.82
N GLU A 364 2.75 4.56 16.78
CA GLU A 364 1.81 3.89 17.68
C GLU A 364 2.22 4.20 19.11
N VAL A 365 1.28 4.76 19.89
CA VAL A 365 1.66 5.38 21.15
C VAL A 365 2.25 4.36 22.13
N PRO A 366 1.60 3.23 22.41
CA PRO A 366 2.30 2.18 23.18
C PRO A 366 3.10 1.30 22.22
N GLU A 367 4.25 1.83 21.80
CA GLU A 367 4.99 1.25 20.68
C GLU A 367 5.52 -0.13 21.02
N HIS A 368 5.46 -1.02 20.03
CA HIS A 368 5.95 -2.38 20.18
C HIS A 368 7.46 -2.45 19.95
N ASP A 378 10.50 -2.60 27.75
CA ASP A 378 10.18 -2.48 29.16
C ASP A 378 11.02 -1.37 29.81
N ILE A 379 10.36 -0.25 30.12
CA ILE A 379 11.01 0.92 30.68
C ILE A 379 10.63 1.00 32.16
N GLN A 380 11.54 0.62 33.03
CA GLN A 380 11.32 0.79 34.46
C GLN A 380 11.12 2.27 34.79
N MET A 381 10.21 2.54 35.70
CA MET A 381 9.87 3.91 36.09
C MET A 381 10.03 4.01 37.61
N THR A 382 11.22 4.40 38.05
CA THR A 382 11.46 4.55 39.47
C THR A 382 10.81 5.83 39.98
N GLN A 383 9.84 5.70 40.86
CA GLN A 383 9.02 6.81 41.32
C GLN A 383 9.35 7.10 42.77
N SER A 384 9.55 8.38 43.09
CA SER A 384 9.97 8.80 44.42
C SER A 384 9.24 10.06 44.82
N PRO A 385 9.09 10.31 46.12
CA PRO A 385 9.36 9.39 47.24
C PRO A 385 8.19 8.43 47.43
N SER A 386 8.44 7.18 47.78
CA SER A 386 7.34 6.22 47.90
C SER A 386 6.33 6.67 48.95
N SER A 387 6.82 7.14 50.10
CA SER A 387 5.97 7.63 51.17
C SER A 387 6.34 9.07 51.49
N LEU A 388 5.34 9.94 51.59
CA LEU A 388 5.57 11.32 51.97
C LEU A 388 4.28 11.90 52.51
N SER A 389 4.38 12.62 53.62
CA SER A 389 3.24 13.23 54.28
C SER A 389 3.47 14.72 54.43
N ALA A 390 2.40 15.50 54.31
CA ALA A 390 2.49 16.95 54.42
C ALA A 390 1.13 17.49 54.82
N SER A 391 1.14 18.76 55.26
CA SER A 391 -0.07 19.38 55.78
C SER A 391 -1.00 19.76 54.63
N VAL A 392 -2.05 20.48 54.97
CA VAL A 392 -3.03 20.94 53.99
C VAL A 392 -2.60 22.29 53.44
N GLY A 393 -2.53 22.41 52.12
CA GLY A 393 -2.29 23.67 51.45
C GLY A 393 -0.89 23.88 50.93
N ASP A 394 0.08 23.07 51.36
CA ASP A 394 1.45 23.27 50.93
C ASP A 394 1.68 22.63 49.56
N ARG A 395 2.87 22.85 49.03
CA ARG A 395 3.24 22.37 47.70
C ARG A 395 4.04 21.09 47.83
N VAL A 396 3.61 20.04 47.13
CA VAL A 396 4.25 18.73 47.20
C VAL A 396 4.63 18.31 45.78
N THR A 397 5.86 17.82 45.64
CA THR A 397 6.42 17.43 44.35
C THR A 397 6.75 15.96 44.34
N ILE A 398 6.43 15.29 43.24
CA ILE A 398 6.62 13.85 43.09
C ILE A 398 7.43 13.64 41.82
N THR A 399 8.54 12.90 41.93
CA THR A 399 9.45 12.70 40.80
C THR A 399 9.35 11.27 40.31
N CYS A 400 9.61 11.07 39.02
CA CYS A 400 9.66 9.73 38.46
C CYS A 400 10.68 9.70 37.33
N ARG A 401 11.67 8.83 37.46
CA ARG A 401 12.76 8.72 36.49
C ARG A 401 12.56 7.46 35.66
N ALA A 402 12.61 7.62 34.35
CA ALA A 402 12.48 6.50 33.42
C ALA A 402 13.86 5.99 33.04
N SER A 403 13.98 4.67 32.88
CA SER A 403 15.26 4.11 32.49
C SER A 403 15.68 4.59 31.10
N GLN A 404 14.72 4.67 30.19
CA GLN A 404 14.98 5.16 28.83
C GLN A 404 14.05 6.32 28.52
N SER A 405 14.41 7.07 27.49
CA SER A 405 13.64 8.25 27.12
C SER A 405 12.22 7.84 26.74
N VAL A 406 11.24 8.41 27.44
CA VAL A 406 9.83 8.18 27.11
C VAL A 406 9.27 9.27 26.20
N SER A 407 10.00 10.37 26.00
CA SER A 407 9.60 11.42 25.07
C SER A 407 8.27 12.04 25.46
N SER A 408 8.20 12.57 26.68
CA SER A 408 7.03 13.31 27.15
C SER A 408 5.75 12.51 26.92
N ALA A 409 5.84 11.20 27.11
CA ALA A 409 4.73 10.30 26.90
C ALA A 409 4.41 9.54 28.18
N VAL A 410 4.46 10.23 29.32
CA VAL A 410 4.03 9.66 30.57
C VAL A 410 2.70 10.30 30.95
N ALA A 411 2.01 9.64 31.86
CA ALA A 411 0.75 10.14 32.42
C ALA A 411 0.76 9.88 33.91
N TRP A 412 -0.09 10.61 34.63
CA TRP A 412 -0.19 10.51 36.08
C TRP A 412 -1.63 10.27 36.46
N TYR A 413 -1.86 9.22 37.24
CA TYR A 413 -3.17 8.82 37.74
C TYR A 413 -3.22 8.96 39.25
N GLN A 414 -4.46 9.07 39.76
CA GLN A 414 -4.72 9.18 41.19
C GLN A 414 -5.71 8.09 41.57
N GLN A 415 -5.34 7.28 42.56
CA GLN A 415 -6.19 6.20 43.07
C GLN A 415 -6.44 6.45 44.54
N LYS A 416 -7.69 6.77 44.87
CA LYS A 416 -8.09 6.85 46.26
C LYS A 416 -8.37 5.44 46.77
N PRO A 417 -8.33 5.23 48.09
CA PRO A 417 -8.37 3.86 48.58
C PRO A 417 -9.69 3.19 48.26
N GLY A 418 -9.60 1.94 47.78
CA GLY A 418 -10.79 1.22 47.37
C GLY A 418 -11.54 1.86 46.23
N LYS A 419 -10.83 2.47 45.29
CA LYS A 419 -11.45 3.12 44.14
C LYS A 419 -10.60 2.81 42.92
N ALA A 420 -10.91 3.47 41.82
CA ALA A 420 -10.17 3.27 40.58
C ALA A 420 -9.33 4.49 40.28
N PRO A 421 -8.20 4.32 39.59
CA PRO A 421 -7.38 5.47 39.20
C PRO A 421 -8.16 6.43 38.31
N LYS A 422 -7.82 7.71 38.42
CA LYS A 422 -8.37 8.77 37.57
C LYS A 422 -7.22 9.48 36.89
N LEU A 423 -7.32 9.67 35.58
CA LEU A 423 -6.24 10.30 34.82
C LEU A 423 -6.14 11.76 35.23
N LEU A 424 -5.00 12.13 35.82
CA LEU A 424 -4.75 13.51 36.18
C LEU A 424 -3.96 14.25 35.11
N ILE A 425 -2.83 13.71 34.70
CA ILE A 425 -1.95 14.35 33.73
C ILE A 425 -1.75 13.38 32.56
N TYR A 426 -1.76 13.92 31.35
CA TYR A 426 -1.36 13.14 30.18
C TYR A 426 -0.40 13.97 29.35
N SER A 427 0.58 13.28 28.77
CA SER A 427 1.65 13.87 27.99
C SER A 427 2.67 14.62 28.87
N ALA A 428 2.64 14.34 30.17
CA ALA A 428 3.64 14.83 31.11
C ALA A 428 3.46 16.31 31.45
N SER A 429 2.56 16.98 30.77
CA SER A 429 2.26 18.38 31.05
C SER A 429 0.77 18.68 31.08
N SER A 430 -0.01 18.02 30.22
CA SER A 430 -1.38 18.44 29.98
C SER A 430 -2.31 17.96 31.08
N LEU A 431 -3.18 18.85 31.55
CA LEU A 431 -4.18 18.50 32.53
C LEU A 431 -5.39 17.86 31.87
N TYR A 432 -6.06 17.00 32.61
CA TYR A 432 -7.23 16.28 32.12
C TYR A 432 -8.49 17.06 32.46
N SER A 433 -9.38 17.19 31.48
CA SER A 433 -10.61 17.95 31.66
C SER A 433 -11.33 17.51 32.92
N GLY A 434 -11.48 18.42 33.88
CA GLY A 434 -12.15 18.13 35.13
C GLY A 434 -11.22 17.95 36.31
N VAL A 435 -9.93 18.22 36.15
CA VAL A 435 -8.97 18.02 37.22
C VAL A 435 -8.64 19.39 37.82
N PRO A 436 -8.45 19.52 39.13
CA PRO A 436 -8.09 20.82 39.70
C PRO A 436 -6.81 21.35 39.08
N SER A 437 -6.78 22.66 38.85
CA SER A 437 -5.62 23.29 38.25
C SER A 437 -4.39 23.26 39.14
N ARG A 438 -4.55 22.90 40.42
CA ARG A 438 -3.39 22.80 41.29
C ARG A 438 -2.39 21.80 40.75
N PHE A 439 -2.87 20.66 40.26
CA PHE A 439 -1.98 19.66 39.68
C PHE A 439 -1.32 20.21 38.43
N SER A 440 -0.02 19.98 38.31
CA SER A 440 0.71 20.41 37.12
C SER A 440 1.85 19.45 36.84
N GLY A 441 2.01 19.09 35.58
CA GLY A 441 3.07 18.19 35.17
C GLY A 441 4.20 18.94 34.49
N SER A 442 5.41 18.41 34.66
CA SER A 442 6.59 19.01 34.07
C SER A 442 7.58 17.92 33.73
N ARG A 443 8.52 18.25 32.85
CA ARG A 443 9.53 17.29 32.41
C ARG A 443 10.91 17.94 32.49
N SER A 444 11.91 17.14 32.84
CA SER A 444 13.29 17.61 32.96
C SER A 444 14.24 16.61 32.30
N GLY A 445 13.90 16.19 31.09
CA GLY A 445 14.70 15.19 30.39
C GLY A 445 14.03 13.84 30.42
N THR A 446 14.48 12.96 31.33
CA THR A 446 13.81 11.70 31.61
C THR A 446 13.22 11.66 33.01
N ASP A 447 13.08 12.81 33.65
CA ASP A 447 12.60 12.93 35.03
C ASP A 447 11.29 13.72 34.99
N PHE A 448 10.18 13.00 35.05
CA PHE A 448 8.86 13.63 34.97
C PHE A 448 8.36 13.92 36.38
N THR A 449 7.89 15.14 36.59
CA THR A 449 7.52 15.62 37.91
C THR A 449 6.06 16.05 37.93
N LEU A 450 5.39 15.76 39.02
CA LEU A 450 4.02 16.20 39.27
C LEU A 450 4.01 17.08 40.51
N THR A 451 3.46 18.28 40.38
CA THR A 451 3.43 19.24 41.46
C THR A 451 1.99 19.52 41.85
N ILE A 452 1.71 19.43 43.14
CA ILE A 452 0.45 19.86 43.72
C ILE A 452 0.73 21.16 44.46
N SER A 453 0.08 22.24 44.02
CA SER A 453 0.38 23.56 44.58
C SER A 453 -0.23 23.73 45.95
N SER A 454 -1.56 23.65 46.05
CA SER A 454 -2.28 23.77 47.30
C SER A 454 -2.90 22.43 47.65
N LEU A 455 -2.38 21.78 48.69
CA LEU A 455 -2.81 20.43 49.05
C LEU A 455 -4.10 20.51 49.86
N GLN A 456 -5.22 20.58 49.14
CA GLN A 456 -6.51 20.53 49.78
C GLN A 456 -6.79 19.12 50.28
N PRO A 457 -7.76 18.95 51.19
CA PRO A 457 -8.00 17.63 51.76
C PRO A 457 -8.30 16.56 50.73
N GLU A 458 -8.82 16.92 49.56
CA GLU A 458 -9.17 15.93 48.55
C GLU A 458 -7.95 15.54 47.73
N ASP A 459 -6.86 15.14 48.41
CA ASP A 459 -5.65 14.73 47.72
C ASP A 459 -5.01 13.49 48.30
N PHE A 460 -5.46 12.99 49.46
CA PHE A 460 -4.91 11.76 50.02
C PHE A 460 -5.18 10.61 49.06
N ALA A 461 -4.14 10.05 48.46
CA ALA A 461 -4.33 9.00 47.47
C ALA A 461 -2.96 8.50 47.04
N THR A 462 -2.96 7.43 46.25
CA THR A 462 -1.74 6.90 45.65
C THR A 462 -1.66 7.42 44.22
N TYR A 463 -0.58 8.12 43.91
CA TYR A 463 -0.36 8.68 42.59
C TYR A 463 0.60 7.79 41.82
N TYR A 464 0.20 7.41 40.61
CA TYR A 464 0.95 6.48 39.78
C TYR A 464 1.38 7.19 38.51
N CYS A 465 2.59 6.86 38.04
CA CYS A 465 3.13 7.41 36.81
C CYS A 465 3.29 6.27 35.81
N GLN A 466 2.69 6.43 34.64
CA GLN A 466 2.69 5.40 33.61
C GLN A 466 3.41 5.91 32.37
N GLN A 467 4.35 5.13 31.87
CA GLN A 467 4.94 5.40 30.58
C GLN A 467 4.15 4.65 29.51
N TYR A 468 3.60 5.38 28.55
CA TYR A 468 2.80 4.78 27.50
C TYR A 468 3.44 4.96 26.14
N LYS A 469 4.78 5.01 26.10
CA LYS A 469 5.49 5.03 24.83
C LYS A 469 5.85 3.64 24.35
N TYR A 470 6.26 2.76 25.26
CA TYR A 470 6.71 1.42 24.91
C TYR A 470 5.88 0.40 25.66
N VAL A 471 5.24 -0.50 24.92
CA VAL A 471 4.63 -1.69 25.52
C VAL A 471 5.75 -2.65 25.91
N PRO A 472 5.76 -3.18 27.15
CA PRO A 472 4.73 -3.12 28.19
C PRO A 472 4.58 -1.75 28.81
N VAL A 473 3.35 -1.24 28.83
CA VAL A 473 3.06 0.00 29.54
C VAL A 473 3.44 -0.19 31.00
N THR A 474 4.44 0.56 31.44
CA THR A 474 5.03 0.37 32.76
C THR A 474 4.57 1.47 33.70
N PHE A 475 3.99 1.07 34.83
CA PHE A 475 3.62 1.99 35.88
C PHE A 475 4.77 2.08 36.89
N GLY A 476 4.61 2.96 37.88
CA GLY A 476 5.58 3.11 38.94
C GLY A 476 5.13 2.42 40.21
N GLN A 477 6.05 2.37 41.17
CA GLN A 477 5.73 1.77 42.45
C GLN A 477 4.63 2.54 43.18
N GLY A 478 4.36 3.77 42.76
CA GLY A 478 3.28 4.55 43.34
C GLY A 478 3.73 5.35 44.53
N THR A 479 3.28 6.59 44.64
CA THR A 479 3.59 7.45 45.77
C THR A 479 2.34 7.66 46.60
N LYS A 480 2.42 7.34 47.89
CA LYS A 480 1.27 7.42 48.79
C LYS A 480 1.24 8.81 49.40
N VAL A 481 0.58 9.74 48.72
CA VAL A 481 0.47 11.11 49.21
C VAL A 481 -0.60 11.12 50.29
N GLU A 482 -0.18 11.37 51.53
CA GLU A 482 -1.09 11.45 52.65
C GLU A 482 -1.41 12.92 52.95
N ILE A 483 -2.64 13.15 53.43
CA ILE A 483 -3.05 14.50 53.80
C ILE A 483 -2.59 14.89 55.21
N LYS A 484 -1.91 13.99 55.92
CA LYS A 484 -1.47 14.29 57.27
C LYS A 484 -0.40 15.37 57.27
N VAL A 502 -19.43 6.03 28.72
CA VAL A 502 -19.19 6.86 29.89
C VAL A 502 -18.74 6.02 31.07
N GLN A 503 -19.23 4.78 31.14
CA GLN A 503 -19.01 3.94 32.30
C GLN A 503 -18.50 2.56 31.88
N LEU A 504 -17.83 1.89 32.81
CA LEU A 504 -17.38 0.51 32.63
C LEU A 504 -17.69 -0.26 33.90
N VAL A 505 -18.30 -1.44 33.75
CA VAL A 505 -18.70 -2.27 34.88
C VAL A 505 -18.09 -3.66 34.69
N GLU A 506 -17.40 -4.14 35.71
CA GLU A 506 -16.67 -5.40 35.64
C GLU A 506 -17.32 -6.46 36.50
N SER A 507 -17.30 -7.70 36.02
CA SER A 507 -17.83 -8.85 36.74
C SER A 507 -16.99 -10.08 36.41
N GLY A 508 -16.99 -11.04 37.33
CA GLY A 508 -16.31 -12.29 37.10
C GLY A 508 -15.21 -12.62 38.09
N GLY A 509 -15.30 -12.07 39.30
CA GLY A 509 -14.33 -12.40 40.33
C GLY A 509 -14.55 -13.77 40.89
N GLY A 510 -14.18 -13.99 42.15
CA GLY A 510 -14.43 -15.26 42.82
C GLY A 510 -13.18 -15.96 43.34
N LEU A 511 -13.24 -16.42 44.59
CA LEU A 511 -12.13 -17.14 45.20
C LEU A 511 -12.26 -18.61 44.82
N VAL A 512 -11.75 -18.94 43.64
CA VAL A 512 -11.95 -20.26 43.06
C VAL A 512 -10.86 -20.49 42.01
N GLN A 513 -10.68 -21.76 41.62
CA GLN A 513 -9.80 -22.15 40.54
C GLN A 513 -8.33 -21.82 40.80
N PRO A 514 -7.69 -22.51 41.73
CA PRO A 514 -6.23 -22.38 41.88
C PRO A 514 -5.47 -22.53 40.57
N GLY A 515 -5.98 -23.33 39.65
CA GLY A 515 -5.35 -23.43 38.35
C GLY A 515 -6.35 -23.52 37.22
N GLY A 516 -7.56 -23.02 37.42
CA GLY A 516 -8.64 -23.12 36.47
C GLY A 516 -8.71 -21.91 35.56
N SER A 517 -9.93 -21.57 35.16
CA SER A 517 -10.16 -20.50 34.21
C SER A 517 -11.27 -19.58 34.69
N LEU A 518 -11.19 -18.32 34.28
CA LEU A 518 -12.18 -17.32 34.66
C LEU A 518 -12.28 -16.26 33.57
N ARG A 519 -13.50 -15.94 33.15
CA ARG A 519 -13.74 -14.97 32.09
C ARG A 519 -14.28 -13.70 32.72
N LEU A 520 -13.44 -12.68 32.81
CA LEU A 520 -13.84 -11.39 33.37
C LEU A 520 -14.49 -10.54 32.29
N SER A 521 -15.68 -10.04 32.57
CA SER A 521 -16.47 -9.29 31.60
C SER A 521 -16.53 -7.83 32.02
N CYS A 522 -16.14 -6.93 31.11
CA CYS A 522 -16.17 -5.50 31.33
C CYS A 522 -17.15 -4.91 30.32
N ALA A 523 -18.32 -4.52 30.80
CA ALA A 523 -19.35 -3.91 29.95
C ALA A 523 -19.10 -2.42 29.88
N ALA A 524 -18.99 -1.90 28.66
CA ALA A 524 -18.71 -0.50 28.42
C ALA A 524 -19.99 0.18 27.93
N SER A 525 -20.40 1.23 28.64
CA SER A 525 -21.59 1.99 28.29
C SER A 525 -21.13 3.37 27.81
N GLY A 526 -21.48 3.69 26.57
CA GLY A 526 -21.14 4.98 25.98
C GLY A 526 -19.90 4.97 25.12
N PHE A 527 -19.28 3.81 24.91
CA PHE A 527 -17.99 3.73 24.24
C PHE A 527 -18.00 2.62 23.21
N ASN A 528 -17.38 2.90 22.07
CA ASN A 528 -17.22 1.91 21.01
C ASN A 528 -15.83 1.32 21.07
N VAL A 529 -15.76 0.00 20.92
CA VAL A 529 -14.50 -0.72 21.09
C VAL A 529 -13.55 -0.39 19.94
N TYR A 530 -14.04 0.30 18.92
CA TYR A 530 -13.24 0.65 17.77
C TYR A 530 -12.61 2.04 17.87
N SER A 531 -13.27 2.98 18.53
CA SER A 531 -12.67 4.27 18.84
C SER A 531 -11.96 4.27 20.18
N SER A 532 -11.87 3.12 20.84
CA SER A 532 -11.24 3.01 22.14
C SER A 532 -10.52 1.67 22.22
N SER A 533 -9.53 1.61 23.11
CA SER A 533 -8.77 0.40 23.36
C SER A 533 -8.97 0.00 24.81
N ILE A 534 -9.26 -1.27 25.04
CA ILE A 534 -9.59 -1.76 26.37
C ILE A 534 -8.35 -2.41 26.97
N HIS A 535 -7.88 -1.86 28.09
CA HIS A 535 -6.68 -2.32 28.76
C HIS A 535 -7.07 -2.94 30.09
N TRP A 536 -6.72 -4.20 30.28
CA TRP A 536 -6.92 -4.87 31.55
C TRP A 536 -5.63 -4.72 32.35
N VAL A 537 -5.69 -3.95 33.44
CA VAL A 537 -4.54 -3.72 34.30
C VAL A 537 -4.90 -4.18 35.71
N ARG A 538 -4.04 -5.01 36.29
CA ARG A 538 -4.30 -5.59 37.59
C ARG A 538 -3.62 -4.79 38.68
N GLN A 539 -3.95 -5.14 39.92
CA GLN A 539 -3.34 -4.52 41.09
C GLN A 539 -3.40 -5.53 42.22
N ALA A 540 -2.30 -6.24 42.44
CA ALA A 540 -2.25 -7.19 43.53
C ALA A 540 -2.41 -6.45 44.86
N PRO A 541 -2.89 -7.13 45.89
CA PRO A 541 -3.13 -6.43 47.16
C PRO A 541 -1.84 -5.83 47.70
N GLY A 542 -1.91 -4.56 48.08
CA GLY A 542 -0.73 -3.85 48.55
C GLY A 542 0.38 -3.79 47.52
N LYS A 543 0.03 -3.56 46.26
CA LYS A 543 1.01 -3.50 45.19
C LYS A 543 0.53 -2.53 44.12
N GLY A 544 1.47 -2.14 43.25
CA GLY A 544 1.17 -1.18 42.22
C GLY A 544 0.50 -1.79 41.02
N LEU A 545 0.00 -0.93 40.14
CA LEU A 545 -0.70 -1.40 38.95
C LEU A 545 0.26 -2.09 38.01
N GLU A 546 -0.14 -3.26 37.53
CA GLU A 546 0.62 -4.00 36.53
C GLU A 546 -0.29 -4.23 35.34
N TRP A 547 0.22 -3.97 34.15
CA TRP A 547 -0.57 -4.05 32.94
C TRP A 547 -0.64 -5.49 32.46
N VAL A 548 -1.85 -6.02 32.34
CA VAL A 548 -2.05 -7.43 32.02
C VAL A 548 -2.24 -7.61 30.53
N ALA A 549 -3.31 -7.03 29.98
CA ALA A 549 -3.64 -7.22 28.59
C ALA A 549 -4.14 -5.90 28.01
N SER A 550 -4.19 -5.84 26.69
CA SER A 550 -4.73 -4.66 26.03
C SER A 550 -5.14 -5.00 24.61
N ILE A 551 -6.39 -4.70 24.26
CA ILE A 551 -6.92 -4.99 22.94
C ILE A 551 -7.30 -3.67 22.28
N SER A 552 -6.77 -3.46 21.07
CA SER A 552 -7.13 -2.33 20.23
C SER A 552 -7.78 -2.90 18.98
N SER A 553 -9.10 -2.70 18.86
CA SER A 553 -9.86 -3.33 17.79
C SER A 553 -9.66 -2.67 16.44
N TYR A 554 -9.54 -1.34 16.39
CA TYR A 554 -9.42 -0.66 15.11
C TYR A 554 -8.26 -1.24 14.31
N TYR A 555 -7.08 -1.28 14.91
CA TYR A 555 -5.95 -1.97 14.30
C TYR A 555 -5.96 -3.46 14.60
N GLY A 556 -6.78 -3.88 15.55
CA GLY A 556 -6.98 -5.30 15.80
C GLY A 556 -5.74 -6.01 16.30
N TYR A 557 -5.03 -5.42 17.27
CA TYR A 557 -3.93 -6.11 17.90
C TYR A 557 -4.15 -6.21 19.41
N THR A 558 -3.75 -7.34 19.96
CA THR A 558 -3.85 -7.61 21.39
C THR A 558 -2.44 -7.84 21.92
N TYR A 559 -2.08 -7.10 22.96
CA TYR A 559 -0.78 -7.20 23.61
C TYR A 559 -0.96 -7.70 25.03
N TYR A 560 0.03 -8.46 25.49
CA TYR A 560 0.03 -9.04 26.83
C TYR A 560 1.37 -8.80 27.49
N ALA A 561 1.35 -8.85 28.81
CA ALA A 561 2.60 -8.77 29.56
C ALA A 561 3.35 -10.10 29.45
N ASP A 562 4.63 -10.06 29.83
CA ASP A 562 5.45 -11.25 29.73
C ASP A 562 4.91 -12.37 30.63
N SER A 563 4.38 -12.00 31.80
CA SER A 563 3.94 -13.00 32.76
C SER A 563 2.62 -13.65 32.37
N VAL A 564 1.88 -13.08 31.42
CA VAL A 564 0.60 -13.63 31.01
C VAL A 564 0.56 -13.79 29.49
N LYS A 565 1.71 -14.04 28.87
CA LYS A 565 1.80 -13.98 27.42
C LYS A 565 0.88 -15.02 26.76
N GLY A 566 0.85 -16.23 27.30
CA GLY A 566 0.07 -17.29 26.69
C GLY A 566 -1.11 -17.72 27.53
N ARG A 567 -1.00 -17.49 28.84
CA ARG A 567 -2.06 -17.92 29.74
C ARG A 567 -3.38 -17.20 29.46
N PHE A 568 -3.32 -15.89 29.22
CA PHE A 568 -4.52 -15.07 29.13
C PHE A 568 -4.85 -14.75 27.68
N THR A 569 -6.11 -14.41 27.45
CA THR A 569 -6.59 -14.04 26.12
C THR A 569 -7.63 -12.95 26.28
N ILE A 570 -7.33 -11.77 25.73
CA ILE A 570 -8.23 -10.62 25.79
C ILE A 570 -8.96 -10.51 24.46
N SER A 571 -10.28 -10.38 24.52
CA SER A 571 -11.07 -10.22 23.30
C SER A 571 -12.32 -9.44 23.64
N ALA A 572 -12.60 -8.39 22.87
CA ALA A 572 -13.76 -7.55 23.10
C ALA A 572 -14.71 -7.67 21.93
N ASP A 573 -15.96 -8.02 22.22
CA ASP A 573 -16.99 -8.16 21.21
C ASP A 573 -17.92 -6.96 21.28
N THR A 574 -18.30 -6.45 20.10
CA THR A 574 -19.10 -5.25 19.99
C THR A 574 -20.59 -5.50 20.11
N SER A 575 -21.01 -6.76 20.20
CA SER A 575 -22.44 -7.06 20.32
C SER A 575 -23.05 -6.28 21.49
N LYS A 576 -22.29 -6.14 22.58
CA LYS A 576 -22.72 -5.34 23.72
C LYS A 576 -21.65 -4.33 24.12
N ASN A 577 -20.69 -4.06 23.25
CA ASN A 577 -19.54 -3.22 23.58
C ASN A 577 -18.85 -3.75 24.84
N THR A 578 -18.69 -5.06 24.90
CA THR A 578 -18.21 -5.73 26.10
C THR A 578 -16.86 -6.36 25.84
N ALA A 579 -15.89 -6.08 26.70
CA ALA A 579 -14.61 -6.75 26.67
C ALA A 579 -14.64 -7.97 27.58
N TYR A 580 -13.86 -8.98 27.22
CA TYR A 580 -13.70 -10.17 28.04
C TYR A 580 -12.22 -10.52 28.15
N LEU A 581 -11.85 -11.00 29.34
CA LEU A 581 -10.51 -11.50 29.59
C LEU A 581 -10.65 -12.95 30.03
N GLN A 582 -10.32 -13.88 29.13
CA GLN A 582 -10.27 -15.29 29.49
C GLN A 582 -8.94 -15.57 30.15
N MET A 583 -8.98 -16.04 31.39
CA MET A 583 -7.81 -16.18 32.23
C MET A 583 -7.64 -17.67 32.54
N ASN A 584 -6.65 -18.29 31.89
CA ASN A 584 -6.40 -19.72 32.02
C ASN A 584 -5.13 -19.95 32.82
N SER A 585 -4.99 -21.18 33.32
CA SER A 585 -3.77 -21.62 34.00
C SER A 585 -3.38 -20.63 35.09
N LEU A 586 -4.39 -20.14 35.82
CA LEU A 586 -4.17 -19.11 36.80
C LEU A 586 -3.26 -19.62 37.92
N ARG A 587 -2.43 -18.73 38.44
CA ARG A 587 -1.49 -19.06 39.51
C ARG A 587 -1.82 -18.23 40.74
N ALA A 588 -1.09 -18.51 41.83
CA ALA A 588 -1.31 -17.77 43.06
C ALA A 588 -0.87 -16.32 42.94
N GLU A 589 0.07 -16.04 42.05
CA GLU A 589 0.58 -14.68 41.89
C GLU A 589 -0.43 -13.76 41.19
N ASP A 590 -1.52 -14.29 40.68
CA ASP A 590 -2.49 -13.49 39.94
C ASP A 590 -3.60 -12.93 40.82
N THR A 591 -3.56 -13.18 42.13
CA THR A 591 -4.56 -12.60 43.01
C THR A 591 -4.47 -11.09 42.94
N ALA A 592 -5.51 -10.44 42.42
CA ALA A 592 -5.45 -9.00 42.22
C ALA A 592 -6.86 -8.47 41.97
N VAL A 593 -6.98 -7.16 42.09
CA VAL A 593 -8.21 -6.45 41.74
C VAL A 593 -8.04 -6.00 40.29
N TYR A 594 -8.50 -6.84 39.38
CA TYR A 594 -8.39 -6.54 37.96
C TYR A 594 -9.27 -5.35 37.60
N TYR A 595 -8.72 -4.43 36.83
CA TYR A 595 -9.41 -3.23 36.37
C TYR A 595 -9.47 -3.24 34.84
N CYS A 596 -10.59 -2.78 34.31
CA CYS A 596 -10.78 -2.62 32.88
C CYS A 596 -10.83 -1.12 32.58
N ALA A 597 -9.78 -0.61 31.94
CA ALA A 597 -9.69 0.80 31.61
C ALA A 597 -9.80 1.01 30.12
N ARG A 598 -10.11 2.23 29.73
CA ARG A 598 -10.26 2.60 28.34
C ARG A 598 -9.25 3.67 27.98
N SER A 599 -8.62 3.53 26.82
CA SER A 599 -7.69 4.51 26.31
C SER A 599 -8.14 4.94 24.93
N ARG A 600 -8.12 6.25 24.68
CA ARG A 600 -8.52 6.75 23.37
C ARG A 600 -7.73 6.01 22.32
N GLN A 601 -8.41 5.21 21.50
CA GLN A 601 -7.71 4.45 20.47
C GLN A 601 -6.97 5.37 19.54
N PHE A 602 -7.42 6.61 19.41
CA PHE A 602 -6.87 7.55 18.45
C PHE A 602 -6.21 8.69 19.20
N TRP A 603 -4.88 8.75 19.10
CA TRP A 603 -4.05 9.67 19.87
C TRP A 603 -4.22 9.38 21.37
N TYR A 604 -3.79 8.18 21.73
CA TYR A 604 -3.77 7.71 23.11
C TYR A 604 -3.33 8.82 24.05
N SER A 605 -4.18 9.13 25.01
CA SER A 605 -3.88 10.12 26.04
C SER A 605 -3.72 9.49 27.42
N GLY A 606 -4.41 8.39 27.68
CA GLY A 606 -4.24 7.70 28.94
C GLY A 606 -5.40 6.76 29.19
N LEU A 607 -5.38 6.16 30.38
CA LEU A 607 -6.47 5.30 30.84
C LEU A 607 -7.48 6.18 31.56
N ASP A 608 -8.18 7.01 30.79
CA ASP A 608 -9.04 8.03 31.38
C ASP A 608 -10.22 7.41 32.13
N TYR A 609 -10.82 6.36 31.58
CA TYR A 609 -12.02 5.76 32.15
C TYR A 609 -11.73 4.35 32.61
N TRP A 610 -12.19 4.03 33.83
CA TRP A 610 -11.88 2.77 34.47
C TRP A 610 -13.16 2.04 34.86
N GLY A 611 -13.01 0.93 35.59
CA GLY A 611 -14.15 0.23 36.15
C GLY A 611 -13.95 -0.01 37.63
N GLN A 612 -15.00 -0.53 38.27
CA GLN A 612 -14.93 -0.79 39.69
C GLN A 612 -13.87 -1.83 40.01
N GLY A 613 -13.68 -2.82 39.16
CA GLY A 613 -12.68 -3.84 39.37
C GLY A 613 -13.24 -5.08 40.04
N THR A 614 -12.59 -6.21 39.81
CA THR A 614 -13.03 -7.50 40.33
C THR A 614 -11.87 -8.20 41.00
N LEU A 615 -12.10 -8.76 42.18
CA LEU A 615 -11.05 -9.39 42.97
C LEU A 615 -10.96 -10.87 42.60
N VAL A 616 -9.89 -11.25 41.91
CA VAL A 616 -9.70 -12.63 41.47
C VAL A 616 -8.81 -13.30 42.51
N THR A 617 -9.42 -13.87 43.55
CA THR A 617 -8.67 -14.48 44.64
C THR A 617 -8.34 -15.92 44.28
N VAL A 618 -7.24 -16.08 43.53
CA VAL A 618 -6.79 -17.40 43.12
C VAL A 618 -6.01 -18.02 44.27
N SER A 619 -6.72 -18.76 45.13
CA SER A 619 -6.10 -19.40 46.28
C SER A 619 -6.68 -20.79 46.46
N SER A 620 -6.08 -21.56 47.35
CA SER A 620 -6.56 -22.90 47.64
C SER A 620 -7.99 -22.87 48.15
N TYR B 168 9.87 -24.55 -59.29
CA TYR B 168 9.28 -24.99 -58.00
C TYR B 168 10.32 -25.73 -57.16
N THR B 169 11.50 -25.96 -57.73
CA THR B 169 12.57 -26.64 -57.02
C THR B 169 13.20 -25.70 -55.99
N ASP B 170 13.98 -26.30 -55.09
CA ASP B 170 14.67 -25.54 -54.05
C ASP B 170 15.97 -24.96 -54.58
N TRP B 171 16.47 -23.96 -53.88
CA TRP B 171 17.73 -23.31 -54.25
C TRP B 171 18.86 -24.33 -54.18
N LYS B 172 19.78 -24.25 -55.15
CA LYS B 172 20.91 -25.17 -55.18
C LYS B 172 21.72 -25.05 -53.89
N SER B 173 21.97 -23.82 -53.45
CA SER B 173 22.76 -23.57 -52.26
C SER B 173 21.94 -23.62 -50.98
N SER B 174 20.64 -23.86 -51.08
CA SER B 174 19.79 -23.87 -49.88
C SER B 174 20.23 -24.97 -48.92
N GLY B 175 20.07 -26.23 -49.32
CA GLY B 175 20.32 -27.33 -48.42
C GLY B 175 21.71 -27.34 -47.83
N ALA B 176 22.69 -26.79 -48.55
CA ALA B 176 24.04 -26.72 -48.03
C ALA B 176 24.17 -25.81 -46.82
N LEU B 177 23.16 -24.97 -46.57
CA LEU B 177 23.27 -23.95 -45.54
C LEU B 177 22.16 -24.00 -44.50
N ILE B 178 20.92 -24.34 -44.87
CA ILE B 178 19.83 -24.31 -43.89
C ILE B 178 20.20 -25.10 -42.65
N PRO B 179 20.75 -26.30 -42.74
CA PRO B 179 21.23 -26.97 -41.52
C PRO B 179 22.28 -26.17 -40.79
N ALA B 180 23.14 -25.43 -41.49
CA ALA B 180 24.18 -24.67 -40.80
C ALA B 180 23.59 -23.54 -39.98
N ILE B 181 22.71 -22.75 -40.59
CA ILE B 181 22.06 -21.67 -39.86
C ILE B 181 21.23 -22.25 -38.72
N TYR B 182 20.58 -23.39 -38.96
CA TYR B 182 19.83 -24.03 -37.87
C TYR B 182 20.76 -24.41 -36.73
N MET B 183 21.94 -24.94 -37.04
CA MET B 183 22.89 -25.32 -36.00
C MET B 183 23.33 -24.11 -35.20
N LEU B 184 23.62 -23.01 -35.90
CA LEU B 184 24.01 -21.79 -35.20
C LEU B 184 22.88 -21.32 -34.30
N VAL B 185 21.64 -21.42 -34.79
CA VAL B 185 20.49 -21.05 -33.98
C VAL B 185 20.40 -21.96 -32.77
N PHE B 186 20.65 -23.25 -32.95
CA PHE B 186 20.67 -24.16 -31.81
C PHE B 186 21.63 -23.66 -30.75
N LEU B 187 22.87 -23.40 -31.16
CA LEU B 187 23.89 -23.02 -30.19
C LEU B 187 23.48 -21.75 -29.45
N LEU B 188 23.10 -20.71 -30.20
CA LEU B 188 22.77 -19.44 -29.57
C LEU B 188 21.52 -19.56 -28.72
N GLY B 189 20.47 -20.21 -29.23
CA GLY B 189 19.24 -20.34 -28.48
C GLY B 189 19.41 -21.14 -27.22
N THR B 190 20.17 -22.23 -27.27
CA THR B 190 20.52 -22.93 -26.04
C THR B 190 21.23 -22.00 -25.08
N THR B 191 22.39 -21.50 -25.48
CA THR B 191 23.23 -20.75 -24.55
C THR B 191 22.54 -19.50 -24.03
N GLY B 192 21.48 -19.05 -24.69
CA GLY B 192 20.72 -17.92 -24.18
C GLY B 192 19.50 -18.28 -23.37
N ASN B 193 18.62 -19.11 -23.95
CA ASN B 193 17.36 -19.43 -23.29
C ASN B 193 17.59 -20.33 -22.08
N GLY B 194 18.42 -21.37 -22.22
CA GLY B 194 18.74 -22.17 -21.05
C GLY B 194 19.41 -21.33 -19.98
N LEU B 195 20.24 -20.39 -20.38
CA LEU B 195 20.91 -19.52 -19.41
C LEU B 195 19.91 -18.67 -18.66
N VAL B 196 18.95 -18.07 -19.36
CA VAL B 196 17.99 -17.20 -18.69
C VAL B 196 17.07 -18.03 -17.80
N LEU B 197 16.67 -19.22 -18.25
CA LEU B 197 15.83 -20.06 -17.43
C LEU B 197 16.57 -20.52 -16.18
N TRP B 198 17.85 -20.86 -16.32
CA TRP B 198 18.65 -21.25 -15.16
C TRP B 198 18.82 -20.09 -14.21
N THR B 199 19.01 -18.88 -14.74
CA THR B 199 19.09 -17.70 -13.88
C THR B 199 17.78 -17.48 -13.15
N VAL B 200 16.66 -17.64 -13.83
CA VAL B 200 15.35 -17.45 -13.19
C VAL B 200 15.17 -18.45 -12.06
N PHE B 201 15.48 -19.72 -12.32
CA PHE B 201 15.36 -20.72 -11.27
C PHE B 201 16.32 -20.43 -10.11
N ARG B 202 17.55 -20.05 -10.43
CA ARG B 202 18.52 -19.71 -9.39
C ARG B 202 18.09 -18.47 -8.62
N SER B 203 17.60 -17.45 -9.34
CA SER B 203 17.20 -16.19 -8.74
C SER B 203 15.70 -16.02 -8.98
N SER B 204 14.90 -16.58 -8.07
CA SER B 204 13.45 -16.40 -8.07
C SER B 204 12.97 -15.67 -6.82
N ARG B 205 13.35 -16.16 -5.64
CA ARG B 205 13.06 -15.44 -4.40
C ARG B 205 13.93 -14.20 -4.24
N GLU B 206 15.10 -14.17 -4.90
CA GLU B 206 15.95 -12.99 -4.82
C GLU B 206 15.27 -11.77 -5.43
N LYS B 207 14.61 -11.96 -6.58
CA LYS B 207 13.92 -10.87 -7.25
C LYS B 207 12.48 -10.71 -6.73
N ARG B 208 11.71 -11.79 -6.75
CA ARG B 208 10.31 -11.76 -6.34
C ARG B 208 9.56 -10.67 -7.11
N ARG B 209 9.72 -10.66 -8.42
CA ARG B 209 9.05 -9.70 -9.29
C ARG B 209 7.98 -10.41 -10.10
N SER B 210 6.79 -9.80 -10.16
CA SER B 210 5.65 -10.47 -10.77
C SER B 210 5.86 -10.71 -12.25
N ALA B 211 6.34 -9.70 -12.98
CA ALA B 211 6.51 -9.84 -14.43
C ALA B 211 7.48 -10.95 -14.78
N ASP B 212 8.38 -11.31 -13.87
CA ASP B 212 9.40 -12.31 -14.18
C ASP B 212 8.78 -13.59 -14.70
N ILE B 213 7.56 -13.91 -14.26
CA ILE B 213 6.92 -15.14 -14.70
C ILE B 213 6.93 -15.21 -16.22
N PHE B 214 6.49 -14.13 -16.87
CA PHE B 214 6.45 -14.13 -18.33
C PHE B 214 7.84 -14.41 -18.88
N ILE B 215 8.85 -13.72 -18.36
CA ILE B 215 10.22 -14.00 -18.79
C ILE B 215 10.47 -15.50 -18.72
N ALA B 216 10.22 -16.09 -17.55
CA ALA B 216 10.40 -17.52 -17.41
C ALA B 216 9.63 -18.25 -18.49
N SER B 217 8.34 -17.96 -18.60
CA SER B 217 7.54 -18.61 -19.63
C SER B 217 8.18 -18.41 -21.00
N LEU B 218 8.51 -17.16 -21.33
CA LEU B 218 9.14 -16.91 -22.62
C LEU B 218 10.33 -17.81 -22.79
N ALA B 219 11.23 -17.83 -21.80
CA ALA B 219 12.41 -18.67 -21.92
C ALA B 219 12.01 -20.09 -22.24
N VAL B 220 11.09 -20.65 -21.45
CA VAL B 220 10.63 -22.00 -21.70
C VAL B 220 10.26 -22.15 -23.18
N ALA B 221 9.33 -21.32 -23.66
CA ALA B 221 8.90 -21.43 -25.04
C ALA B 221 10.12 -21.39 -25.95
N ASP B 222 10.94 -20.36 -25.79
CA ASP B 222 12.11 -20.22 -26.66
C ASP B 222 12.96 -21.48 -26.61
N LEU B 223 13.23 -21.98 -25.40
CA LEU B 223 14.01 -23.21 -25.29
C LEU B 223 13.30 -24.34 -26.03
N THR B 224 12.03 -24.57 -25.70
CA THR B 224 11.29 -25.61 -26.39
C THR B 224 10.97 -25.22 -27.82
N PHE B 225 11.22 -23.96 -28.20
CA PHE B 225 11.20 -23.59 -29.59
C PHE B 225 12.38 -24.20 -30.33
N VAL B 226 13.57 -24.09 -29.76
CA VAL B 226 14.79 -24.48 -30.46
C VAL B 226 15.21 -25.91 -30.17
N VAL B 227 14.70 -26.53 -29.10
CA VAL B 227 15.09 -27.90 -28.79
C VAL B 227 14.74 -28.82 -29.93
N THR B 228 13.59 -28.61 -30.56
CA THR B 228 13.16 -29.45 -31.67
C THR B 228 13.85 -29.11 -32.97
N LEU B 229 14.81 -28.18 -32.95
CA LEU B 229 15.45 -27.74 -34.18
C LEU B 229 16.21 -28.85 -34.89
N PRO B 230 17.06 -29.62 -34.22
CA PRO B 230 17.96 -30.54 -34.95
C PRO B 230 17.22 -31.51 -35.84
N LEU B 231 16.09 -32.03 -35.39
CA LEU B 231 15.35 -32.95 -36.24
C LEU B 231 14.99 -32.29 -37.57
N TRP B 232 14.61 -31.01 -37.53
CA TRP B 232 14.29 -30.29 -38.76
C TRP B 232 15.54 -29.98 -39.56
N ALA B 233 16.66 -29.71 -38.88
CA ALA B 233 17.90 -29.51 -39.62
C ALA B 233 18.24 -30.74 -40.43
N THR B 234 18.27 -31.90 -39.77
CA THR B 234 18.53 -33.15 -40.48
C THR B 234 17.46 -33.43 -41.52
N TYR B 235 16.22 -33.01 -41.25
CA TYR B 235 15.17 -33.13 -42.24
C TYR B 235 15.56 -32.43 -43.53
N THR B 236 15.95 -31.15 -43.42
CA THR B 236 16.40 -30.41 -44.58
C THR B 236 17.71 -30.96 -45.14
N TYR B 237 18.45 -31.73 -44.34
CA TYR B 237 19.74 -32.25 -44.80
C TYR B 237 19.58 -33.17 -45.99
N ARG B 238 18.72 -34.17 -45.87
CA ARG B 238 18.61 -35.21 -46.90
C ARG B 238 17.42 -34.91 -47.83
N ASP B 239 17.52 -33.81 -48.56
CA ASP B 239 16.51 -33.43 -49.53
C ASP B 239 15.12 -33.48 -48.91
N TYR B 240 15.02 -32.95 -47.69
CA TYR B 240 13.78 -32.96 -46.92
C TYR B 240 13.29 -34.39 -46.71
N ASP B 241 14.11 -35.18 -46.01
CA ASP B 241 13.76 -36.52 -45.58
C ASP B 241 13.88 -36.61 -44.07
N TRP B 242 12.94 -37.31 -43.45
CA TRP B 242 12.76 -37.30 -42.00
C TRP B 242 13.12 -38.65 -41.40
N PRO B 243 14.36 -38.85 -41.00
CA PRO B 243 14.76 -40.09 -40.32
C PRO B 243 14.47 -40.08 -38.82
N PHE B 244 13.20 -39.90 -38.48
CA PHE B 244 12.76 -39.97 -37.08
C PHE B 244 11.31 -40.45 -37.06
N GLY B 245 10.78 -40.65 -35.86
CA GLY B 245 9.47 -41.25 -35.72
C GLY B 245 8.35 -40.34 -36.22
N THR B 246 7.25 -40.98 -36.63
CA THR B 246 6.07 -40.23 -37.03
C THR B 246 5.48 -39.47 -35.85
N PHE B 247 5.33 -40.16 -34.72
CA PHE B 247 4.95 -39.45 -33.50
C PHE B 247 5.98 -38.38 -33.17
N ALA B 248 7.26 -38.64 -33.48
CA ALA B 248 8.28 -37.61 -33.27
C ALA B 248 8.00 -36.41 -34.15
N CYS B 249 7.59 -36.64 -35.40
CA CYS B 249 7.23 -35.53 -36.28
C CYS B 249 6.07 -34.73 -35.73
N LYS B 250 5.01 -35.42 -35.29
CA LYS B 250 3.87 -34.73 -34.73
C LYS B 250 4.28 -33.90 -33.53
N LEU B 251 5.02 -34.51 -32.59
CA LEU B 251 5.42 -33.80 -31.39
C LEU B 251 6.29 -32.60 -31.73
N SER B 252 7.23 -32.77 -32.65
CA SER B 252 8.12 -31.67 -33.00
C SER B 252 7.35 -30.51 -33.61
N SER B 253 6.48 -30.79 -34.59
CA SER B 253 5.77 -29.69 -35.23
C SER B 253 4.83 -29.00 -34.25
N TYR B 254 4.11 -29.78 -33.45
CA TYR B 254 3.22 -29.18 -32.48
C TYR B 254 4.00 -28.35 -31.47
N LEU B 255 5.18 -28.81 -31.08
CA LEU B 255 5.98 -28.05 -30.15
C LEU B 255 6.44 -26.74 -30.77
N ILE B 256 6.87 -26.77 -32.02
CA ILE B 256 7.31 -25.53 -32.67
C ILE B 256 6.18 -24.52 -32.70
N PHE B 257 4.98 -24.96 -33.08
CA PHE B 257 3.88 -23.99 -33.17
C PHE B 257 3.44 -23.51 -31.79
N VAL B 258 3.33 -24.42 -30.83
CA VAL B 258 2.97 -24.03 -29.47
C VAL B 258 3.95 -22.98 -28.98
N ASN B 259 5.25 -23.20 -29.23
CA ASN B 259 6.26 -22.31 -28.69
C ASN B 259 6.32 -20.99 -29.45
N MET B 260 6.05 -21.00 -30.75
CA MET B 260 5.92 -19.73 -31.47
C MET B 260 4.82 -18.87 -30.86
N TYR B 261 3.62 -19.45 -30.71
CA TYR B 261 2.52 -18.68 -30.16
C TYR B 261 2.80 -18.28 -28.73
N ALA B 262 3.39 -19.17 -27.94
CA ALA B 262 3.70 -18.84 -26.56
C ALA B 262 4.71 -17.72 -26.49
N SER B 263 5.70 -17.70 -27.38
CA SER B 263 6.69 -16.64 -27.38
C SER B 263 6.04 -15.30 -27.67
N VAL B 264 5.20 -15.25 -28.71
CA VAL B 264 4.56 -13.98 -29.04
C VAL B 264 3.65 -13.53 -27.91
N PHE B 265 2.89 -14.47 -27.34
CA PHE B 265 1.95 -14.11 -26.28
C PHE B 265 2.69 -13.66 -25.02
N CYS B 266 3.81 -14.29 -24.70
CA CYS B 266 4.58 -13.86 -23.54
C CYS B 266 5.19 -12.48 -23.76
N LEU B 267 5.70 -12.21 -24.96
CA LEU B 267 6.20 -10.87 -25.24
C LEU B 267 5.09 -9.84 -25.11
N THR B 268 3.91 -10.15 -25.64
CA THR B 268 2.78 -9.24 -25.52
C THR B 268 2.36 -9.06 -24.06
N GLY B 269 2.37 -10.14 -23.29
CA GLY B 269 2.03 -10.04 -21.89
C GLY B 269 3.00 -9.18 -21.12
N LEU B 270 4.29 -9.29 -21.45
CA LEU B 270 5.27 -8.43 -20.81
C LEU B 270 5.06 -6.98 -21.21
N SER B 271 4.72 -6.73 -22.48
CA SER B 271 4.43 -5.38 -22.91
C SER B 271 3.24 -4.80 -22.17
N PHE B 272 2.18 -5.59 -21.99
CA PHE B 272 1.00 -5.11 -21.27
C PHE B 272 1.29 -4.93 -19.78
N ASP B 273 2.11 -5.81 -19.20
CA ASP B 273 2.52 -5.61 -17.81
C ASP B 273 3.27 -4.29 -17.65
N ARG B 274 4.16 -3.99 -18.60
CA ARG B 274 4.89 -2.74 -18.52
C ARG B 274 3.99 -1.54 -18.76
N TYR B 275 2.99 -1.68 -19.64
CA TYR B 275 2.01 -0.63 -19.83
C TYR B 275 1.23 -0.36 -18.55
N LEU B 276 0.83 -1.43 -17.87
CA LEU B 276 0.05 -1.29 -16.64
C LEU B 276 0.91 -0.79 -15.48
N ALA B 277 2.22 -1.03 -15.51
CA ALA B 277 3.12 -0.56 -14.47
C ALA B 277 3.82 0.74 -14.80
N ILE B 278 3.56 1.32 -15.97
CA ILE B 278 4.13 2.59 -16.38
C ILE B 278 3.05 3.61 -16.71
N VAL B 279 2.06 3.22 -17.50
CA VAL B 279 1.04 4.15 -17.95
C VAL B 279 -0.20 4.18 -17.06
N ARG B 280 -0.45 3.12 -16.29
CA ARG B 280 -1.49 3.13 -15.26
C ARG B 280 -0.90 2.61 -13.96
N PRO B 281 0.09 3.31 -13.41
CA PRO B 281 0.77 2.82 -12.21
C PRO B 281 -0.05 2.90 -10.93
N VAL B 282 -1.07 3.76 -10.88
CA VAL B 282 -1.91 3.82 -9.70
C VAL B 282 -2.69 2.53 -9.53
N ALA B 283 -3.13 1.93 -10.63
CA ALA B 283 -3.83 0.66 -10.59
C ALA B 283 -2.90 -0.54 -10.51
N ASN B 284 -1.59 -0.33 -10.73
CA ASN B 284 -0.67 -1.46 -10.71
C ASN B 284 -0.60 -2.10 -9.32
N ALA B 285 -0.55 -1.27 -8.27
CA ALA B 285 -0.52 -1.81 -6.92
C ALA B 285 -1.87 -2.39 -6.50
N ARG B 286 -2.96 -1.83 -7.02
CA ARG B 286 -4.28 -2.33 -6.66
C ARG B 286 -4.47 -3.78 -7.09
N LEU B 287 -4.02 -4.12 -8.29
CA LEU B 287 -4.19 -5.48 -8.79
C LEU B 287 -3.22 -6.42 -8.09
N ARG B 288 -3.62 -7.69 -8.01
CA ARG B 288 -2.80 -8.73 -7.39
C ARG B 288 -1.93 -9.32 -8.48
N LEU B 289 -0.82 -8.63 -8.78
CA LEU B 289 0.01 -9.00 -9.92
C LEU B 289 0.52 -10.43 -9.79
N ARG B 290 0.79 -10.90 -8.57
CA ARG B 290 1.37 -12.23 -8.41
C ARG B 290 0.44 -13.30 -8.96
N VAL B 291 -0.85 -13.20 -8.68
CA VAL B 291 -1.79 -14.21 -9.16
C VAL B 291 -2.39 -13.81 -10.50
N SER B 292 -2.52 -12.51 -10.78
CA SER B 292 -3.00 -12.09 -12.09
C SER B 292 -2.06 -12.56 -13.19
N GLY B 293 -0.75 -12.43 -12.97
CA GLY B 293 0.21 -12.92 -13.95
C GLY B 293 0.17 -14.42 -14.10
N ALA B 294 0.00 -15.14 -12.99
CA ALA B 294 -0.10 -16.59 -13.07
C ALA B 294 -1.32 -17.03 -13.88
N VAL B 295 -2.46 -16.39 -13.64
CA VAL B 295 -3.66 -16.72 -14.41
C VAL B 295 -3.46 -16.36 -15.87
N ALA B 296 -2.83 -15.22 -16.14
CA ALA B 296 -2.58 -14.81 -17.51
C ALA B 296 -1.70 -15.83 -18.22
N THR B 297 -0.66 -16.32 -17.55
CA THR B 297 0.23 -17.30 -18.16
C THR B 297 -0.48 -18.63 -18.34
N ALA B 298 -1.33 -19.02 -17.40
CA ALA B 298 -2.10 -20.25 -17.56
C ALA B 298 -2.98 -20.16 -18.80
N VAL B 299 -3.72 -19.07 -18.95
CA VAL B 299 -4.59 -18.91 -20.11
C VAL B 299 -3.76 -18.82 -21.38
N LEU B 300 -2.64 -18.11 -21.32
CA LEU B 300 -1.73 -18.00 -22.45
C LEU B 300 -1.31 -19.38 -22.95
N TRP B 301 -0.84 -20.23 -22.04
CA TRP B 301 -0.32 -21.53 -22.43
C TRP B 301 -1.43 -22.47 -22.86
N VAL B 302 -2.56 -22.47 -22.15
CA VAL B 302 -3.68 -23.33 -22.55
C VAL B 302 -4.17 -22.94 -23.93
N LEU B 303 -4.34 -21.64 -24.17
CA LEU B 303 -4.79 -21.18 -25.47
C LEU B 303 -3.76 -21.49 -26.55
N ALA B 304 -2.47 -21.35 -26.24
CA ALA B 304 -1.45 -21.71 -27.21
C ALA B 304 -1.56 -23.17 -27.60
N ALA B 305 -1.70 -24.05 -26.62
CA ALA B 305 -1.86 -25.47 -26.91
C ALA B 305 -3.11 -25.72 -27.73
N LEU B 306 -4.19 -24.98 -27.46
CA LEU B 306 -5.41 -25.15 -28.25
C LEU B 306 -5.19 -24.73 -29.71
N LEU B 307 -4.58 -23.57 -29.92
CA LEU B 307 -4.31 -23.14 -31.30
C LEU B 307 -3.37 -24.10 -32.00
N ALA B 308 -2.53 -24.81 -31.25
CA ALA B 308 -1.61 -25.75 -31.85
C ALA B 308 -2.18 -27.16 -32.00
N MET B 309 -3.31 -27.44 -31.36
CA MET B 309 -3.94 -28.75 -31.52
C MET B 309 -4.20 -29.10 -32.98
N PRO B 310 -4.72 -28.20 -33.83
CA PRO B 310 -4.85 -28.57 -35.24
C PRO B 310 -3.52 -28.89 -35.87
N VAL B 311 -2.55 -27.98 -35.77
CA VAL B 311 -1.25 -28.18 -36.38
C VAL B 311 -0.58 -29.41 -35.76
N MET B 312 -1.24 -30.03 -34.79
CA MET B 312 -0.86 -31.37 -34.37
C MET B 312 -1.61 -32.43 -35.17
N VAL B 313 -2.95 -32.38 -35.14
CA VAL B 313 -3.74 -33.49 -35.69
C VAL B 313 -3.48 -33.65 -37.18
N LEU B 314 -3.39 -32.54 -37.92
CA LEU B 314 -3.12 -32.62 -39.34
C LEU B 314 -1.65 -32.89 -39.67
N ARG B 315 -0.85 -33.35 -38.69
CA ARG B 315 0.57 -33.63 -38.91
C ARG B 315 0.78 -35.13 -39.13
N THR B 316 1.48 -35.47 -40.21
CA THR B 316 1.73 -36.87 -40.56
C THR B 316 3.08 -36.98 -41.25
N THR B 317 3.33 -38.17 -41.79
CA THR B 317 4.61 -38.52 -42.40
C THR B 317 4.36 -39.32 -43.68
N GLY B 318 5.36 -39.31 -44.56
CA GLY B 318 5.29 -40.05 -45.81
C GLY B 318 5.81 -39.28 -47.00
N ASP B 319 4.95 -39.12 -48.02
CA ASP B 319 5.27 -38.34 -49.21
C ASP B 319 6.59 -38.87 -49.81
N LEU B 320 6.66 -40.19 -49.97
CA LEU B 320 7.79 -40.76 -50.68
C LEU B 320 7.67 -40.52 -52.18
N GLU B 321 6.45 -40.35 -52.68
CA GLU B 321 6.21 -40.09 -54.10
C GLU B 321 6.98 -41.08 -54.97
N ASN B 322 6.96 -42.35 -54.56
CA ASN B 322 7.76 -43.39 -55.19
C ASN B 322 9.25 -43.04 -55.18
N THR B 323 9.68 -42.29 -54.17
CA THR B 323 11.08 -41.93 -54.00
C THR B 323 11.66 -42.41 -52.67
N THR B 324 10.87 -43.11 -51.86
CA THR B 324 11.36 -43.67 -50.61
C THR B 324 11.98 -42.61 -49.71
N LYS B 325 11.32 -41.44 -49.64
CA LYS B 325 11.72 -40.35 -48.77
C LYS B 325 10.58 -40.12 -47.78
N VAL B 326 10.77 -40.59 -46.54
CA VAL B 326 9.77 -40.48 -45.49
C VAL B 326 9.95 -39.11 -44.83
N GLN B 327 9.10 -38.16 -45.20
CA GLN B 327 9.20 -36.79 -44.76
C GLN B 327 8.07 -36.46 -43.79
N CYS B 328 8.26 -35.41 -43.00
CA CYS B 328 7.29 -35.00 -42.00
C CYS B 328 6.62 -33.70 -42.43
N TYR B 329 5.30 -33.65 -42.36
CA TYR B 329 4.61 -32.44 -42.83
C TYR B 329 3.23 -32.39 -42.18
N MET B 330 2.39 -31.49 -42.69
CA MET B 330 1.06 -31.23 -42.17
C MET B 330 0.04 -31.69 -43.21
N ASP B 331 -0.35 -32.97 -43.14
CA ASP B 331 -1.29 -33.50 -44.10
C ASP B 331 -2.65 -32.83 -43.96
N TYR B 332 -3.23 -32.41 -45.09
CA TYR B 332 -4.54 -31.78 -45.12
C TYR B 332 -5.65 -32.73 -45.58
N SER B 333 -5.29 -33.86 -46.21
CA SER B 333 -6.31 -34.75 -46.77
C SER B 333 -7.21 -35.33 -45.69
N MET B 334 -6.65 -35.67 -44.53
CA MET B 334 -7.44 -36.38 -43.53
C MET B 334 -8.71 -35.61 -43.16
N VAL B 335 -8.68 -34.28 -43.27
CA VAL B 335 -9.86 -33.45 -43.03
C VAL B 335 -10.36 -32.82 -44.32
N ALA B 336 -9.49 -32.11 -45.04
CA ALA B 336 -9.93 -31.39 -46.22
C ALA B 336 -10.20 -32.35 -47.36
N THR B 337 -11.38 -32.23 -47.97
CA THR B 337 -11.74 -33.04 -49.13
C THR B 337 -11.03 -32.50 -50.36
N VAL B 338 -11.35 -33.05 -51.53
CA VAL B 338 -10.66 -32.66 -52.76
C VAL B 338 -10.85 -31.18 -53.03
N SER B 339 -12.08 -30.69 -52.88
CA SER B 339 -12.38 -29.28 -53.11
C SER B 339 -12.20 -28.42 -51.87
N SER B 340 -12.00 -29.02 -50.70
CA SER B 340 -11.83 -28.28 -49.47
C SER B 340 -10.37 -28.07 -49.10
N GLU B 341 -9.44 -28.56 -49.92
CA GLU B 341 -8.02 -28.41 -49.59
C GLU B 341 -7.63 -26.94 -49.51
N TRP B 342 -7.94 -26.17 -50.54
CA TRP B 342 -7.56 -24.76 -50.56
C TRP B 342 -8.26 -23.99 -49.45
N ALA B 343 -9.56 -24.24 -49.26
CA ALA B 343 -10.31 -23.52 -48.23
C ALA B 343 -9.78 -23.83 -46.85
N TRP B 344 -9.57 -25.11 -46.55
CA TRP B 344 -9.03 -25.49 -45.25
C TRP B 344 -7.65 -24.90 -45.03
N GLU B 345 -6.80 -24.98 -46.06
CA GLU B 345 -5.45 -24.43 -45.93
C GLU B 345 -5.50 -22.94 -45.63
N VAL B 346 -6.27 -22.18 -46.42
CA VAL B 346 -6.29 -20.74 -46.24
C VAL B 346 -6.88 -20.38 -44.89
N GLY B 347 -7.94 -21.08 -44.47
CA GLY B 347 -8.54 -20.77 -43.17
C GLY B 347 -7.59 -21.02 -42.03
N LEU B 348 -6.92 -22.19 -42.02
CA LEU B 348 -5.99 -22.48 -40.95
C LEU B 348 -4.81 -21.53 -40.97
N GLY B 349 -4.33 -21.17 -42.16
CA GLY B 349 -3.25 -20.21 -42.25
C GLY B 349 -3.65 -18.85 -41.72
N VAL B 350 -4.87 -18.40 -42.06
CA VAL B 350 -5.35 -17.11 -41.59
C VAL B 350 -5.43 -17.11 -40.08
N SER B 351 -6.01 -18.17 -39.50
CA SER B 351 -6.15 -18.21 -38.05
C SER B 351 -4.78 -18.23 -37.38
N SER B 352 -3.88 -19.07 -37.89
CA SER B 352 -2.53 -19.13 -37.32
C SER B 352 -1.88 -17.76 -37.36
N THR B 353 -1.85 -17.12 -38.53
CA THR B 353 -1.13 -15.85 -38.65
C THR B 353 -1.77 -14.78 -37.79
N THR B 354 -3.10 -14.65 -37.81
CA THR B 354 -3.74 -13.60 -37.04
C THR B 354 -3.48 -13.80 -35.55
N VAL B 355 -3.78 -14.99 -35.02
CA VAL B 355 -3.62 -15.21 -33.59
C VAL B 355 -2.16 -15.22 -33.17
N GLY B 356 -1.24 -15.46 -34.09
CA GLY B 356 0.15 -15.53 -33.74
C GLY B 356 0.89 -14.21 -33.85
N PHE B 357 0.44 -13.32 -34.74
CA PHE B 357 1.10 -12.04 -34.92
C PHE B 357 0.19 -10.86 -34.63
N VAL B 358 -0.99 -10.78 -35.25
CA VAL B 358 -1.71 -9.52 -35.33
C VAL B 358 -2.12 -9.05 -33.95
N VAL B 359 -2.99 -9.80 -33.28
CA VAL B 359 -3.53 -9.35 -32.01
C VAL B 359 -2.42 -9.11 -30.99
N PRO B 360 -1.51 -10.05 -30.74
CA PRO B 360 -0.37 -9.74 -29.86
C PRO B 360 0.44 -8.56 -30.37
N PHE B 361 0.62 -8.44 -31.68
CA PHE B 361 1.45 -7.36 -32.20
C PHE B 361 0.80 -6.00 -31.96
N THR B 362 -0.49 -5.87 -32.26
CA THR B 362 -1.16 -4.60 -32.03
C THR B 362 -1.21 -4.27 -30.56
N ILE B 363 -1.48 -5.27 -29.71
CA ILE B 363 -1.49 -5.01 -28.27
C ILE B 363 -0.13 -4.49 -27.82
N MET B 364 0.93 -5.14 -28.29
CA MET B 364 2.28 -4.72 -27.90
C MET B 364 2.58 -3.32 -28.40
N LEU B 365 2.18 -3.00 -29.64
CA LEU B 365 2.49 -1.70 -30.19
C LEU B 365 1.75 -0.59 -29.46
N THR B 366 0.47 -0.80 -29.13
CA THR B 366 -0.22 0.21 -28.35
C THR B 366 0.39 0.35 -26.96
N CYS B 367 0.75 -0.76 -26.34
CA CYS B 367 1.35 -0.70 -25.00
C CYS B 367 2.66 0.07 -25.03
N TYR B 368 3.51 -0.21 -26.03
CA TYR B 368 4.80 0.45 -26.08
C TYR B 368 4.68 1.89 -26.55
N PHE B 369 3.68 2.22 -27.37
CA PHE B 369 3.43 3.62 -27.71
C PHE B 369 3.02 4.41 -26.48
N PHE B 370 2.12 3.86 -25.67
CA PHE B 370 1.74 4.55 -24.45
C PHE B 370 2.93 4.68 -23.51
N ILE B 371 3.74 3.63 -23.42
CA ILE B 371 4.95 3.70 -22.60
C ILE B 371 5.87 4.80 -23.11
N ALA B 372 6.04 4.90 -24.42
CA ALA B 372 6.94 5.90 -24.99
C ALA B 372 6.43 7.31 -24.72
N GLN B 373 5.14 7.54 -24.93
CA GLN B 373 4.57 8.86 -24.69
C GLN B 373 4.72 9.24 -23.22
N THR B 374 4.38 8.31 -22.32
CA THR B 374 4.46 8.60 -20.90
C THR B 374 5.90 8.85 -20.47
N ILE B 375 6.86 8.07 -20.98
CA ILE B 375 8.24 8.24 -20.56
C ILE B 375 8.79 9.56 -21.09
N ALA B 376 8.45 9.92 -22.33
CA ALA B 376 8.88 11.19 -22.87
C ALA B 376 8.32 12.35 -22.05
N GLY B 377 7.04 12.27 -21.70
CA GLY B 377 6.46 13.32 -20.88
C GLY B 377 7.05 13.37 -19.48
N HIS B 378 7.39 12.22 -18.92
CA HIS B 378 7.89 12.16 -17.56
C HIS B 378 9.31 12.69 -17.47
N PHE B 379 10.18 12.32 -18.39
CA PHE B 379 11.57 12.76 -18.36
C PHE B 379 11.77 14.11 -19.03
N ARG B 380 10.74 14.70 -19.61
CA ARG B 380 10.89 16.00 -20.25
C ARG B 380 11.28 17.08 -19.26
N LYS B 381 11.12 16.81 -17.96
CA LYS B 381 11.58 17.73 -16.94
C LYS B 381 13.10 17.63 -16.80
N GLU B 382 13.67 18.47 -15.93
CA GLU B 382 15.11 18.48 -15.72
C GLU B 382 15.83 18.79 -17.03
N ARG B 383 17.14 18.57 -17.08
CA ARG B 383 17.92 18.88 -18.27
C ARG B 383 19.13 17.98 -18.34
N ILE B 384 19.71 17.89 -19.54
CA ILE B 384 20.93 17.14 -19.78
C ILE B 384 20.72 15.67 -19.45
N GLU B 385 20.91 15.30 -18.18
CA GLU B 385 20.84 13.89 -17.81
C GLU B 385 19.46 13.31 -18.10
N GLY B 386 18.41 14.04 -17.75
CA GLY B 386 17.06 13.55 -17.98
C GLY B 386 16.77 13.30 -19.44
N LEU B 387 17.19 14.23 -20.31
CA LEU B 387 16.95 14.06 -21.74
C LEU B 387 17.73 12.88 -22.29
N ARG B 388 18.98 12.70 -21.86
CA ARG B 388 19.76 11.55 -22.32
C ARG B 388 19.11 10.25 -21.87
N LYS B 389 18.65 10.19 -20.63
CA LYS B 389 17.98 8.98 -20.16
C LYS B 389 16.70 8.72 -20.95
N ARG B 390 15.94 9.77 -21.24
CA ARG B 390 14.73 9.61 -22.03
C ARG B 390 15.05 9.07 -23.42
N ARG B 391 16.09 9.62 -24.06
CA ARG B 391 16.46 9.13 -25.38
C ARG B 391 16.89 7.69 -25.32
N ARG B 392 17.63 7.30 -24.27
CA ARG B 392 18.04 5.91 -24.12
C ARG B 392 16.83 5.00 -23.94
N LEU B 393 15.86 5.41 -23.12
CA LEU B 393 14.67 4.59 -22.92
C LEU B 393 13.88 4.46 -24.22
N LEU B 394 13.73 5.55 -24.96
CA LEU B 394 13.06 5.48 -26.25
C LEU B 394 13.81 4.59 -27.21
N SER B 395 15.15 4.62 -27.15
CA SER B 395 15.94 3.74 -27.99
C SER B 395 15.71 2.28 -27.63
N ILE B 396 15.57 1.98 -26.33
CA ILE B 396 15.30 0.61 -25.92
C ILE B 396 13.91 0.17 -26.41
N ILE B 397 12.91 1.02 -26.22
CA ILE B 397 11.57 0.69 -26.70
C ILE B 397 11.61 0.47 -28.21
N VAL B 398 12.36 1.32 -28.91
CA VAL B 398 12.58 1.12 -30.34
C VAL B 398 13.14 -0.27 -30.55
N VAL B 399 14.34 -0.54 -30.02
CA VAL B 399 15.02 -1.80 -30.34
C VAL B 399 14.12 -2.98 -30.06
N LEU B 400 13.30 -2.92 -29.01
CA LEU B 400 12.39 -4.04 -28.74
C LEU B 400 11.34 -4.18 -29.83
N VAL B 401 10.64 -3.08 -30.16
CA VAL B 401 9.61 -3.19 -31.19
C VAL B 401 10.23 -3.53 -32.53
N VAL B 402 11.37 -2.92 -32.84
CA VAL B 402 12.05 -3.13 -34.12
C VAL B 402 12.55 -4.56 -34.23
N THR B 403 13.10 -5.12 -33.15
CA THR B 403 13.57 -6.50 -33.21
C THR B 403 12.41 -7.45 -33.35
N PHE B 404 11.32 -7.22 -32.64
CA PHE B 404 10.14 -8.06 -32.84
C PHE B 404 9.67 -7.99 -34.28
N ALA B 405 9.56 -6.77 -34.83
CA ALA B 405 9.08 -6.62 -36.19
C ALA B 405 10.01 -7.31 -37.18
N LEU B 406 11.30 -7.00 -37.11
CA LEU B 406 12.25 -7.60 -38.03
C LEU B 406 12.22 -9.12 -37.95
N CYS B 407 12.23 -9.66 -36.73
CA CYS B 407 12.31 -11.10 -36.57
C CYS B 407 11.05 -11.81 -37.02
N TRP B 408 9.87 -11.28 -36.73
CA TRP B 408 8.65 -12.03 -36.99
C TRP B 408 7.98 -11.67 -38.30
N MET B 409 8.05 -10.42 -38.75
CA MET B 409 7.38 -10.03 -39.98
C MET B 409 7.71 -10.93 -41.16
N PRO B 410 8.96 -11.31 -41.43
CA PRO B 410 9.21 -12.12 -42.63
C PRO B 410 8.41 -13.41 -42.67
N TYR B 411 8.27 -14.08 -41.52
CA TYR B 411 7.58 -15.37 -41.44
C TYR B 411 6.10 -15.22 -41.79
N HIS B 412 5.38 -14.39 -41.01
CA HIS B 412 3.97 -14.20 -41.27
C HIS B 412 3.74 -13.55 -42.63
N LEU B 413 4.66 -12.70 -43.06
CA LEU B 413 4.52 -12.06 -44.37
C LEU B 413 4.56 -13.11 -45.47
N VAL B 414 5.48 -14.06 -45.39
CA VAL B 414 5.50 -15.10 -46.43
C VAL B 414 4.29 -16.00 -46.31
N LYS B 415 3.80 -16.25 -45.10
CA LYS B 415 2.56 -17.03 -44.99
C LYS B 415 1.42 -16.32 -45.71
N THR B 416 1.20 -15.04 -45.37
CA THR B 416 0.13 -14.28 -46.02
C THR B 416 0.36 -14.19 -47.52
N LEU B 417 1.62 -14.13 -47.93
CA LEU B 417 1.93 -14.08 -49.35
C LEU B 417 1.55 -15.38 -50.05
N TYR B 418 1.79 -16.51 -49.39
CA TYR B 418 1.34 -17.79 -49.93
C TYR B 418 -0.18 -17.80 -50.08
N MET B 419 -0.89 -17.39 -49.02
CA MET B 419 -2.35 -17.42 -49.10
C MET B 419 -2.87 -16.44 -50.14
N LEU B 420 -2.17 -15.34 -50.39
CA LEU B 420 -2.59 -14.40 -51.42
C LEU B 420 -2.30 -14.95 -52.80
N GLY B 421 -1.13 -15.55 -53.00
CA GLY B 421 -0.76 -16.12 -54.27
C GLY B 421 -1.51 -17.38 -54.63
N SER B 422 -2.17 -18.01 -53.65
CA SER B 422 -3.04 -19.14 -53.98
C SER B 422 -4.08 -18.74 -55.02
N LEU B 423 -4.47 -17.47 -55.05
CA LEU B 423 -5.34 -16.93 -56.08
C LEU B 423 -4.63 -15.95 -57.01
N LEU B 424 -3.64 -15.21 -56.52
CA LEU B 424 -2.89 -14.30 -57.39
C LEU B 424 -2.03 -15.06 -58.38
N HIS B 425 -1.57 -16.26 -58.03
CA HIS B 425 -0.85 -17.15 -58.93
C HIS B 425 0.42 -16.47 -59.47
N TRP B 426 1.35 -16.24 -58.55
CA TRP B 426 2.68 -15.76 -58.92
C TRP B 426 3.24 -16.69 -59.99
N PRO B 427 3.47 -16.22 -61.23
CA PRO B 427 3.58 -17.16 -62.35
C PRO B 427 4.68 -18.20 -62.24
N CYS B 428 5.96 -17.79 -62.20
CA CYS B 428 7.05 -18.76 -62.25
C CYS B 428 8.21 -18.48 -61.31
N ASP B 429 8.45 -17.25 -60.88
CA ASP B 429 9.66 -16.91 -60.14
C ASP B 429 9.41 -16.44 -58.71
N PHE B 430 8.37 -15.64 -58.48
CA PHE B 430 8.10 -15.17 -57.13
C PHE B 430 7.83 -16.33 -56.20
N ASP B 431 7.08 -17.33 -56.66
CA ASP B 431 6.83 -18.51 -55.83
C ASP B 431 8.14 -19.23 -55.52
N LEU B 432 9.00 -19.39 -56.53
CA LEU B 432 10.30 -20.00 -56.28
C LEU B 432 11.06 -19.22 -55.24
N PHE B 433 10.98 -17.89 -55.28
CA PHE B 433 11.64 -17.07 -54.27
C PHE B 433 11.05 -17.31 -52.90
N LEU B 434 9.72 -17.46 -52.82
CA LEU B 434 9.08 -17.72 -51.53
C LEU B 434 9.59 -19.02 -50.92
N MET B 435 9.63 -20.09 -51.73
CA MET B 435 10.11 -21.36 -51.21
C MET B 435 11.60 -21.30 -50.87
N ASN B 436 12.40 -20.60 -51.66
CA ASN B 436 13.81 -20.48 -51.34
C ASN B 436 14.00 -19.75 -50.01
N ILE B 437 13.25 -18.67 -49.78
CA ILE B 437 13.50 -17.82 -48.63
C ILE B 437 12.89 -18.37 -47.35
N PHE B 438 11.82 -19.16 -47.44
CA PHE B 438 11.11 -19.54 -46.21
C PHE B 438 12.02 -20.17 -45.16
N PRO B 439 12.91 -21.11 -45.47
CA PRO B 439 13.83 -21.58 -44.42
C PRO B 439 14.63 -20.43 -43.82
N TYR B 440 15.07 -19.49 -44.64
CA TYR B 440 15.72 -18.30 -44.12
C TYR B 440 14.76 -17.49 -43.26
N CYS B 441 13.48 -17.45 -43.64
CA CYS B 441 12.51 -16.74 -42.81
C CYS B 441 12.42 -17.37 -41.43
N THR B 442 12.42 -18.70 -41.35
CA THR B 442 12.43 -19.36 -40.05
C THR B 442 13.70 -19.03 -39.28
N CYS B 443 14.83 -19.02 -39.98
CA CYS B 443 16.09 -18.64 -39.33
C CYS B 443 15.96 -17.28 -38.67
N ILE B 444 15.48 -16.28 -39.42
CA ILE B 444 15.40 -14.93 -38.86
C ILE B 444 14.29 -14.85 -37.82
N SER B 445 13.29 -15.72 -37.90
CA SER B 445 12.28 -15.79 -36.85
C SER B 445 12.88 -16.27 -35.54
N TYR B 446 13.92 -17.08 -35.61
CA TYR B 446 14.65 -17.45 -34.40
C TYR B 446 15.50 -16.32 -33.83
N VAL B 447 15.51 -15.14 -34.47
CA VAL B 447 16.34 -14.05 -34.00
C VAL B 447 15.92 -13.65 -32.58
N ASN B 448 14.63 -13.51 -32.35
CA ASN B 448 14.17 -13.16 -31.01
C ASN B 448 14.50 -14.25 -30.02
N SER B 449 14.25 -15.51 -30.38
CA SER B 449 14.56 -16.61 -29.48
C SER B 449 16.02 -16.62 -29.11
N CYS B 450 16.88 -16.12 -29.99
CA CYS B 450 18.31 -16.03 -29.69
C CYS B 450 18.60 -14.84 -28.78
N LEU B 451 18.21 -13.64 -29.18
CA LEU B 451 18.61 -12.42 -28.50
C LEU B 451 17.83 -12.13 -27.22
N ASN B 452 16.79 -12.89 -26.93
CA ASN B 452 15.92 -12.55 -25.79
C ASN B 452 16.68 -12.31 -24.50
N PRO B 453 17.67 -13.12 -24.13
CA PRO B 453 18.40 -12.82 -22.88
C PRO B 453 19.05 -11.45 -22.89
N PHE B 454 19.55 -11.01 -24.03
CA PHE B 454 20.23 -9.72 -24.10
C PHE B 454 19.26 -8.58 -23.84
N LEU B 455 18.05 -8.67 -24.38
CA LEU B 455 17.09 -7.58 -24.32
C LEU B 455 16.18 -7.63 -23.10
N TYR B 456 16.02 -8.80 -22.49
CA TYR B 456 15.07 -8.97 -21.40
C TYR B 456 15.73 -9.42 -20.11
N ALA B 457 16.61 -10.41 -20.16
CA ALA B 457 17.35 -10.81 -18.97
C ALA B 457 18.50 -9.86 -18.70
N PHE B 458 19.42 -9.71 -19.66
CA PHE B 458 20.53 -8.80 -19.49
C PHE B 458 20.05 -7.38 -19.18
N PHE B 459 18.96 -6.96 -19.82
CA PHE B 459 18.41 -5.64 -19.53
C PHE B 459 17.94 -5.53 -18.09
N ASP B 460 17.71 -6.66 -17.41
CA ASP B 460 17.38 -6.64 -15.99
C ASP B 460 18.65 -6.69 -15.17
N PRO B 461 18.91 -5.70 -14.31
CA PRO B 461 20.16 -5.73 -13.53
C PRO B 461 20.29 -6.96 -12.65
N ARG B 462 19.19 -7.62 -12.29
CA ARG B 462 19.28 -8.82 -11.47
C ARG B 462 20.04 -9.92 -12.20
N PHE B 463 19.79 -10.09 -13.50
CA PHE B 463 20.51 -11.09 -14.27
C PHE B 463 22.00 -10.78 -14.30
N ARG B 464 22.35 -9.51 -14.50
CA ARG B 464 23.76 -9.13 -14.52
C ARG B 464 24.42 -9.41 -13.17
N GLN B 465 23.72 -9.08 -12.08
CA GLN B 465 24.27 -9.35 -10.75
C GLN B 465 24.45 -10.85 -10.52
N ALA B 466 23.47 -11.66 -10.97
CA ALA B 466 23.58 -13.10 -10.81
C ALA B 466 24.76 -13.64 -11.60
N CYS B 467 24.98 -13.14 -12.81
CA CYS B 467 26.12 -13.59 -13.61
C CYS B 467 27.44 -13.30 -12.92
N THR B 468 27.57 -12.12 -12.32
CA THR B 468 28.79 -11.75 -11.61
C THR B 468 28.88 -12.46 -10.26
N GLN B 489 29.23 8.65 3.87
CA GLN B 489 28.41 9.52 4.69
C GLN B 489 27.01 9.64 4.11
N ASP B 490 26.24 8.54 4.18
CA ASP B 490 24.90 8.49 3.62
C ASP B 490 23.84 8.16 4.68
N GLU B 491 24.23 7.78 5.88
CA GLU B 491 23.27 7.52 6.95
C GLU B 491 22.33 8.71 7.11
N SEP B 492 21.03 8.43 7.14
CA SEP B 492 20.01 9.52 7.20
CB SEP B 492 18.71 9.04 6.55
OG SEP B 492 17.81 10.12 6.40
C SEP B 492 19.74 9.99 8.62
O SEP B 492 18.85 10.79 8.85
P SEP B 492 16.63 9.75 5.38
O1P SEP B 492 17.24 9.07 4.06
O2P SEP B 492 15.62 8.72 6.10
O3P SEP B 492 15.83 11.09 4.98
N CYS B 493 20.52 9.50 9.57
CA CYS B 493 20.36 9.89 10.97
C CYS B 493 18.95 9.59 11.46
N TPO B 494 18.50 10.30 12.49
CA TPO B 494 17.18 10.01 13.11
CB TPO B 494 17.33 8.91 14.15
CG2 TPO B 494 15.99 8.65 14.85
OG1 TPO B 494 17.75 7.72 13.48
P TPO B 494 18.89 6.99 14.36
O1P TPO B 494 18.76 5.53 14.19
O2P TPO B 494 18.74 7.34 15.92
O3P TPO B 494 20.34 7.45 13.83
C TPO B 494 16.57 11.25 13.74
O TPO B 494 17.24 12.00 14.43
N TPO B 495 15.28 11.47 13.48
CA TPO B 495 14.55 12.64 14.03
CB TPO B 495 13.15 12.68 13.49
CG2 TPO B 495 12.48 13.99 13.94
OG1 TPO B 495 13.17 12.63 12.08
P TPO B 495 12.21 11.45 11.59
O1P TPO B 495 12.55 10.20 12.30
O2P TPO B 495 12.38 11.23 10.01
O3P TPO B 495 10.69 11.84 11.90
C TPO B 495 14.55 12.63 15.54
O TPO B 495 13.83 11.84 16.16
N ALA B 496 15.35 13.49 16.14
CA ALA B 496 15.45 13.55 17.58
C ALA B 496 14.33 14.41 18.16
N SEP B 497 14.67 15.25 19.13
CA SEP B 497 13.67 16.07 19.85
CB SEP B 497 12.61 15.17 20.49
OG SEP B 497 13.24 14.09 21.15
C SEP B 497 14.37 16.89 20.92
O SEP B 497 15.25 16.38 21.61
P SEP B 497 12.17 12.97 21.57
O1P SEP B 497 12.66 12.27 22.94
O2P SEP B 497 12.04 11.86 20.41
O3P SEP B 497 10.76 13.68 21.84
N SEP B 498 14.02 18.16 21.04
CA SEP B 498 14.72 19.06 22.00
CB SEP B 498 15.69 19.96 21.25
OG SEP B 498 16.45 20.73 22.16
C SEP B 498 13.75 19.90 22.82
O SEP B 498 12.57 20.01 22.50
P SEP B 498 17.95 20.15 22.24
O1P SEP B 498 17.92 18.67 22.85
O2P SEP B 498 18.83 21.10 23.18
O3P SEP B 498 18.59 20.10 20.77
N SEP B 499 14.27 20.52 23.88
CA SEP B 499 13.44 21.31 24.83
CB SEP B 499 13.94 21.08 26.26
OG SEP B 499 15.20 20.44 26.25
C SEP B 499 13.48 22.80 24.50
O SEP B 499 14.54 23.41 24.49
P SEP B 499 16.16 21.04 27.39
O1P SEP B 499 16.39 22.62 27.12
O2P SEP B 499 15.49 20.82 28.83
O3P SEP B 499 17.59 20.30 27.34
N LEU B 500 12.31 23.38 24.26
CA LEU B 500 12.21 24.79 23.93
C LEU B 500 11.64 25.57 25.10
N ALA B 501 12.48 25.83 26.09
CA ALA B 501 12.03 26.49 27.31
C ALA B 501 11.47 27.88 26.99
N LYS B 502 10.45 28.27 27.74
CA LYS B 502 9.83 29.59 27.56
C LYS B 502 10.47 30.60 28.50
C10 A1L6R C . 8.33 -25.71 -40.91
C12 A1L6R C . 6.00 -25.05 -41.36
C17 A1L6R C . 5.18 -24.57 -44.55
C18 A1L6R C . 6.47 -25.05 -45.19
C19 A1L6R C . 4.09 -24.15 -45.55
C21 A1L6R C . 4.59 -22.94 -46.30
C23 A1L6R C . 5.80 -22.05 -48.02
C24 A1L6R C . 5.50 -20.76 -47.61
C25 A1L6R C . 6.00 -19.54 -48.35
C26 A1L6R C . 4.71 -20.66 -46.49
C30 A1L6R C . 6.97 -23.88 -39.76
C31 A1L6R C . 7.90 -23.33 -38.77
C32 A1L6R C . 9.14 -23.89 -38.53
C01 A1L6R C . 7.96 -27.41 -37.93
C03 A1L6R C . 8.52 -26.89 -40.18
C04 A1L6R C . 9.65 -27.68 -40.42
C05 A1L6R C . 10.58 -27.29 -41.37
C06 A1L6R C . 10.40 -26.12 -42.09
C07 A1L6R C . 9.28 -25.33 -41.86
C09 A1L6R C . 10.02 -23.67 -43.42
C33 A1L6R C . 9.96 -23.32 -37.57
C34 A1L6R C . 9.51 -22.22 -36.87
C35 A1L6R C . 8.25 -21.72 -37.16
C36 A1L6R C . 7.70 -20.51 -36.45
N11 A1L6R C . 7.17 -24.90 -40.67
N13 A1L6R C . 5.79 -25.97 -42.35
N22 A1L6R C . 5.36 -23.14 -47.38
N27 A1L6R C . 4.25 -21.74 -45.81
N28 A1L6R C . 5.12 -24.15 -40.91
N29 A1L6R C . 5.74 -23.44 -39.91
N37 A1L6R C . 7.45 -22.27 -38.08
O02 A1L6R C . 7.56 -27.21 -39.28
O08 A1L6R C . 9.04 -24.16 -42.51
O15 A1L6R C . 4.53 -27.08 -44.16
O16 A1L6R C . 3.42 -25.37 -42.76
O20 A1L6R C . 2.88 -23.84 -44.88
S14 A1L6R C . 4.58 -25.85 -43.42
C1 CLR D . -3.47 -14.02 -25.19
C2 CLR D . -3.77 -14.70 -26.51
C3 CLR D . -5.02 -14.12 -27.12
C4 CLR D . -4.78 -12.64 -27.36
C5 CLR D . -4.44 -11.92 -26.10
C6 CLR D . -5.26 -10.98 -25.62
C7 CLR D . -5.10 -10.28 -24.32
C8 CLR D . -3.73 -10.49 -23.69
C9 CLR D . -3.27 -11.95 -23.84
C10 CLR D . -3.28 -12.49 -25.29
C11 CLR D . -1.94 -12.17 -23.11
C12 CLR D . -1.94 -11.70 -21.66
C13 CLR D . -2.42 -10.25 -21.50
C14 CLR D . -3.77 -10.18 -22.22
C15 CLR D . -4.39 -8.85 -21.76
C16 CLR D . -3.87 -8.71 -20.32
C17 CLR D . -2.83 -9.83 -20.06
C18 CLR D . -1.44 -9.25 -22.12
C19 CLR D . -1.99 -12.19 -26.05
C20 CLR D . -1.77 -9.42 -19.03
C21 CLR D . -0.49 -10.26 -19.09
C22 CLR D . -2.39 -9.46 -17.63
C23 CLR D . -1.46 -9.57 -16.42
C24 CLR D . -0.77 -8.24 -16.10
C25 CLR D . 0.31 -8.30 -15.02
C26 CLR D . -0.13 -9.18 -13.84
C27 CLR D . 0.68 -6.91 -14.51
O1 CLR D . -5.33 -14.81 -28.30
#